data_2L5S
#
_entry.id   2L5S
#
_entity_poly.entity_id   1
_entity_poly.type   'polypeptide(L)'
_entity_poly.pdbx_seq_one_letter_code
;GSATALQCFCHLCTKDNFTCVTDGLCFVSVTETTDKVIHNSMCIAEIDLIPRDRPFVCAPSSKTGSVTTTYCCNQDHCNK
IELPTTV(NH2)
;
_entity_poly.pdbx_strand_id   A
#
# COMPACT_ATOMS: atom_id res chain seq x y z
N GLY A 1 -3.60 3.09 -20.18
CA GLY A 1 -2.76 3.93 -19.35
C GLY A 1 -3.11 3.84 -17.88
N SER A 2 -2.23 3.20 -17.10
CA SER A 2 -2.41 3.07 -15.67
C SER A 2 -3.66 2.23 -15.36
N ALA A 3 -4.22 2.42 -14.16
CA ALA A 3 -5.46 1.75 -13.72
C ALA A 3 -5.23 0.27 -13.43
N THR A 4 -4.85 -0.49 -14.46
CA THR A 4 -4.62 -1.91 -14.30
C THR A 4 -3.13 -2.21 -14.12
N ALA A 5 -2.29 -1.30 -14.61
CA ALA A 5 -0.85 -1.44 -14.50
C ALA A 5 -0.28 -0.29 -13.69
N LEU A 6 0.12 -0.58 -12.47
CA LEU A 6 0.60 0.46 -11.56
C LEU A 6 2.04 0.22 -11.16
N GLN A 7 2.89 1.20 -11.39
CA GLN A 7 4.25 1.16 -10.88
C GLN A 7 4.29 1.82 -9.52
N CYS A 8 4.25 1.00 -8.49
CA CYS A 8 4.22 1.50 -7.13
C CYS A 8 5.61 1.45 -6.52
N PHE A 9 6.16 2.64 -6.25
CA PHE A 9 7.45 2.76 -5.57
C PHE A 9 7.43 1.93 -4.31
N CYS A 10 8.27 0.90 -4.24
CA CYS A 10 8.17 -0.04 -3.15
C CYS A 10 9.46 -0.12 -2.33
N HIS A 11 9.36 -0.68 -1.13
CA HIS A 11 10.49 -0.70 -0.19
C HIS A 11 11.53 -1.78 -0.55
N LEU A 12 11.08 -2.93 -1.03
CA LEU A 12 11.98 -4.06 -1.23
C LEU A 12 12.47 -4.16 -2.68
N CYS A 13 11.96 -3.27 -3.52
CA CYS A 13 12.32 -3.24 -4.94
C CYS A 13 13.83 -3.14 -5.14
N THR A 14 14.44 -2.13 -4.55
CA THR A 14 15.85 -1.80 -4.77
C THR A 14 16.18 -1.72 -6.26
N LYS A 15 16.64 -2.83 -6.84
CA LYS A 15 17.02 -2.85 -8.25
C LYS A 15 15.85 -3.19 -9.14
N ASP A 16 14.69 -3.38 -8.55
CA ASP A 16 13.46 -3.43 -9.31
C ASP A 16 13.03 -2.01 -9.62
N ASN A 17 13.94 -1.21 -10.17
CA ASN A 17 13.67 0.19 -10.55
C ASN A 17 13.15 1.01 -9.36
N PHE A 18 13.35 0.50 -8.14
CA PHE A 18 12.79 1.09 -6.93
C PHE A 18 11.26 1.10 -6.96
N THR A 19 10.69 0.36 -7.91
CA THR A 19 9.25 0.32 -8.09
C THR A 19 8.85 -0.88 -8.94
N CYS A 20 7.70 -1.42 -8.67
CA CYS A 20 7.29 -2.64 -9.31
C CYS A 20 5.91 -2.45 -9.91
N VAL A 21 5.73 -2.96 -11.12
CA VAL A 21 4.46 -2.80 -11.80
C VAL A 21 3.51 -3.95 -11.42
N THR A 22 2.39 -3.56 -10.83
CA THR A 22 1.41 -4.50 -10.30
C THR A 22 0.27 -4.74 -11.27
N ASP A 23 -0.48 -5.80 -11.00
CA ASP A 23 -1.68 -6.12 -11.75
C ASP A 23 -2.91 -5.65 -10.98
N GLY A 24 -2.68 -5.23 -9.73
CA GLY A 24 -3.77 -4.81 -8.88
C GLY A 24 -3.81 -3.30 -8.68
N LEU A 25 -2.98 -2.82 -7.75
CA LEU A 25 -2.95 -1.40 -7.40
C LEU A 25 -1.78 -1.10 -6.47
N CYS A 26 -1.72 0.13 -5.95
CA CYS A 26 -0.66 0.52 -5.03
C CYS A 26 -1.12 0.35 -3.57
N PHE A 27 -0.16 0.06 -2.68
CA PHE A 27 -0.46 -0.15 -1.28
C PHE A 27 0.75 0.16 -0.38
N VAL A 28 0.60 1.16 0.48
CA VAL A 28 1.59 1.46 1.51
C VAL A 28 1.02 1.20 2.89
N SER A 29 1.76 0.46 3.70
CA SER A 29 1.39 0.25 5.08
C SER A 29 2.19 1.16 5.99
N VAL A 30 1.55 2.20 6.48
CA VAL A 30 2.18 3.11 7.41
C VAL A 30 1.67 2.80 8.81
N THR A 31 2.46 2.05 9.56
CA THR A 31 2.07 1.65 10.90
C THR A 31 3.04 2.23 11.92
N GLU A 32 2.70 3.37 12.47
CA GLU A 32 3.56 4.05 13.43
C GLU A 32 3.18 3.66 14.85
N THR A 33 3.95 2.76 15.40
CA THR A 33 3.73 2.29 16.75
C THR A 33 4.79 2.88 17.67
N THR A 34 4.76 2.48 18.93
CA THR A 34 5.83 2.85 19.84
C THR A 34 7.01 1.92 19.63
N ASP A 35 6.82 0.93 18.75
CA ASP A 35 7.89 0.05 18.34
C ASP A 35 8.81 0.80 17.40
N LYS A 36 8.19 1.37 16.39
CA LYS A 36 8.83 2.26 15.44
C LYS A 36 7.78 2.68 14.43
N VAL A 37 8.14 3.58 13.53
CA VAL A 37 7.23 3.96 12.48
C VAL A 37 7.44 3.03 11.29
N ILE A 38 6.53 2.11 11.10
CA ILE A 38 6.71 1.08 10.10
C ILE A 38 5.97 1.48 8.84
N HIS A 39 6.66 2.15 7.94
CA HIS A 39 6.06 2.57 6.70
C HIS A 39 6.70 1.83 5.55
N ASN A 40 5.95 0.93 4.95
CA ASN A 40 6.47 0.11 3.87
C ASN A 40 5.57 0.20 2.65
N SER A 41 6.13 0.67 1.56
CA SER A 41 5.39 0.78 0.31
C SER A 41 5.57 -0.48 -0.52
N MET A 42 4.47 -1.00 -1.03
CA MET A 42 4.52 -2.17 -1.88
C MET A 42 3.58 -2.00 -3.07
N CYS A 43 3.91 -2.64 -4.16
CA CYS A 43 2.99 -2.77 -5.28
C CYS A 43 2.05 -3.91 -4.98
N ILE A 44 0.80 -3.60 -4.72
CA ILE A 44 -0.13 -4.61 -4.30
C ILE A 44 -0.72 -5.27 -5.54
N ALA A 45 -0.37 -6.52 -5.77
CA ALA A 45 -0.90 -7.23 -6.91
C ALA A 45 -2.35 -7.55 -6.69
N GLU A 46 -3.04 -7.85 -7.77
CA GLU A 46 -4.45 -8.20 -7.67
C GLU A 46 -4.65 -9.42 -6.79
N ILE A 47 -3.67 -10.33 -6.84
CA ILE A 47 -3.68 -11.51 -5.97
C ILE A 47 -3.52 -11.11 -4.51
N ASP A 48 -2.88 -9.96 -4.28
CA ASP A 48 -2.58 -9.48 -2.93
C ASP A 48 -3.76 -8.70 -2.37
N LEU A 49 -4.79 -8.50 -3.18
CA LEU A 49 -6.00 -7.87 -2.71
C LEU A 49 -6.72 -8.83 -1.77
N ILE A 50 -6.77 -8.49 -0.50
CA ILE A 50 -7.33 -9.38 0.50
C ILE A 50 -8.40 -8.67 1.31
N PRO A 51 -9.69 -8.97 1.09
CA PRO A 51 -10.15 -9.87 0.02
C PRO A 51 -10.02 -9.24 -1.36
N ARG A 52 -10.19 -10.04 -2.39
CA ARG A 52 -9.95 -9.60 -3.77
C ARG A 52 -10.97 -8.54 -4.19
N ASP A 53 -12.07 -8.46 -3.46
CA ASP A 53 -13.13 -7.52 -3.77
C ASP A 53 -12.70 -6.12 -3.38
N ARG A 54 -12.18 -6.04 -2.17
CA ARG A 54 -11.64 -4.81 -1.64
C ARG A 54 -10.73 -5.15 -0.48
N PRO A 55 -9.41 -5.04 -0.68
CA PRO A 55 -8.44 -5.30 0.38
C PRO A 55 -8.78 -4.56 1.64
N PHE A 56 -9.38 -5.27 2.60
CA PHE A 56 -9.70 -4.67 3.88
C PHE A 56 -8.42 -4.30 4.59
N VAL A 57 -7.31 -4.84 4.12
CA VAL A 57 -6.00 -4.52 4.66
C VAL A 57 -5.74 -3.02 4.49
N CYS A 58 -6.48 -2.41 3.57
CA CYS A 58 -6.37 -0.98 3.33
C CYS A 58 -7.37 -0.21 4.22
N ALA A 59 -8.17 -0.95 4.95
CA ALA A 59 -9.13 -0.36 5.88
C ALA A 59 -9.52 -1.35 6.98
N PRO A 60 -8.58 -1.66 7.89
CA PRO A 60 -8.76 -2.68 8.91
C PRO A 60 -9.45 -2.15 10.16
N SER A 61 -10.26 -1.10 9.98
CA SER A 61 -10.98 -0.48 11.09
C SER A 61 -10.01 0.06 12.13
N SER A 62 -8.89 0.60 11.66
CA SER A 62 -7.89 1.22 12.53
C SER A 62 -8.55 2.22 13.48
N LYS A 63 -8.59 1.89 14.76
CA LYS A 63 -9.39 2.65 15.72
C LYS A 63 -8.55 3.68 16.46
N THR A 64 -7.40 3.26 16.97
CA THR A 64 -6.57 4.16 17.77
C THR A 64 -5.14 3.64 17.89
N GLY A 65 -4.99 2.33 18.01
CA GLY A 65 -3.67 1.74 18.17
C GLY A 65 -3.04 1.41 16.83
N SER A 66 -1.71 1.26 16.84
CA SER A 66 -0.92 0.88 15.66
C SER A 66 -0.72 2.06 14.71
N VAL A 67 -1.67 2.99 14.71
CA VAL A 67 -1.69 4.09 13.74
C VAL A 67 -1.34 3.57 12.35
N THR A 68 -2.18 2.69 11.85
CA THR A 68 -1.99 2.09 10.54
C THR A 68 -2.81 2.82 9.50
N THR A 69 -2.15 3.71 8.78
CA THR A 69 -2.77 4.45 7.72
C THR A 69 -2.38 3.84 6.39
N THR A 70 -3.25 3.01 5.85
CA THR A 70 -2.95 2.21 4.69
C THR A 70 -3.31 2.92 3.40
N TYR A 71 -2.31 3.07 2.56
CA TYR A 71 -2.47 3.68 1.27
C TYR A 71 -2.82 2.63 0.24
N CYS A 72 -3.96 2.76 -0.40
CA CYS A 72 -4.24 1.94 -1.57
C CYS A 72 -4.88 2.78 -2.67
N CYS A 73 -4.30 2.72 -3.87
CA CYS A 73 -4.74 3.56 -4.98
C CYS A 73 -4.45 2.93 -6.33
N ASN A 74 -5.11 3.40 -7.37
CA ASN A 74 -4.96 2.83 -8.71
C ASN A 74 -4.31 3.82 -9.68
N GLN A 75 -3.69 4.85 -9.14
CA GLN A 75 -2.91 5.77 -9.96
C GLN A 75 -1.49 5.26 -10.08
N ASP A 76 -0.80 5.62 -11.15
CA ASP A 76 0.60 5.22 -11.28
C ASP A 76 1.46 5.99 -10.29
N HIS A 77 2.25 5.25 -9.51
CA HIS A 77 3.25 5.83 -8.61
C HIS A 77 2.60 6.63 -7.47
N CYS A 78 1.32 6.37 -7.19
CA CYS A 78 0.60 7.10 -6.13
C CYS A 78 0.83 6.48 -4.77
N ASN A 79 1.73 5.50 -4.74
CA ASN A 79 1.87 4.59 -3.60
C ASN A 79 1.95 5.32 -2.26
N LYS A 80 3.08 5.95 -1.97
CA LYS A 80 3.26 6.54 -0.64
C LYS A 80 2.81 8.00 -0.62
N ILE A 81 1.84 8.31 -1.49
CA ILE A 81 1.43 9.69 -1.68
C ILE A 81 -0.09 9.77 -1.90
N GLU A 82 -0.79 8.74 -1.45
CA GLU A 82 -2.25 8.68 -1.52
C GLU A 82 -2.84 9.42 -0.31
N LEU A 83 -4.08 9.09 0.05
CA LEU A 83 -4.81 9.69 1.16
C LEU A 83 -3.93 9.96 2.38
N PRO A 84 -3.92 11.23 2.82
CA PRO A 84 -3.10 11.68 3.94
C PRO A 84 -3.67 11.23 5.28
N THR A 85 -3.05 10.20 5.85
CA THR A 85 -3.42 9.68 7.15
C THR A 85 -4.88 9.22 7.17
N THR A 86 -5.18 8.21 6.37
CA THR A 86 -6.48 7.59 6.37
C THR A 86 -6.38 6.20 6.97
N VAL A 87 -7.15 5.94 8.02
CA VAL A 87 -7.08 4.67 8.73
C VAL A 87 -7.82 3.54 7.98
N GLY A 1 -1.49 3.93 -16.92
CA GLY A 1 -1.57 2.48 -16.81
C GLY A 1 -2.41 2.06 -15.63
N SER A 2 -3.23 2.97 -15.14
CA SER A 2 -4.07 2.74 -13.98
C SER A 2 -5.01 1.57 -14.19
N ALA A 3 -5.16 0.73 -13.16
CA ALA A 3 -6.05 -0.43 -13.17
C ALA A 3 -5.60 -1.49 -14.18
N THR A 4 -4.32 -1.48 -14.52
CA THR A 4 -3.76 -2.49 -15.41
C THR A 4 -2.31 -2.76 -15.06
N ALA A 5 -1.48 -1.75 -15.22
CA ALA A 5 -0.07 -1.87 -14.88
C ALA A 5 0.35 -0.72 -13.97
N LEU A 6 0.25 -0.95 -12.68
CA LEU A 6 0.55 0.07 -11.70
C LEU A 6 2.00 -0.01 -11.26
N GLN A 7 2.82 0.92 -11.69
CA GLN A 7 4.18 0.97 -11.19
C GLN A 7 4.19 1.86 -9.96
N CYS A 8 4.10 1.23 -8.80
CA CYS A 8 3.96 1.96 -7.56
C CYS A 8 5.21 1.83 -6.71
N PHE A 9 5.58 2.92 -6.07
CA PHE A 9 6.78 2.96 -5.22
C PHE A 9 6.77 1.79 -4.25
N CYS A 10 7.89 1.10 -4.16
CA CYS A 10 7.94 -0.14 -3.40
C CYS A 10 9.21 -0.20 -2.57
N HIS A 11 9.04 -0.30 -1.26
CA HIS A 11 10.16 -0.22 -0.35
C HIS A 11 10.78 -1.59 -0.10
N LEU A 12 10.01 -2.65 -0.27
CA LEU A 12 10.52 -4.00 -0.09
C LEU A 12 11.29 -4.46 -1.33
N CYS A 13 11.08 -3.71 -2.41
CA CYS A 13 11.72 -3.98 -3.68
C CYS A 13 13.16 -3.50 -3.70
N THR A 14 13.35 -2.23 -3.34
CA THR A 14 14.67 -1.57 -3.35
C THR A 14 15.37 -1.65 -4.72
N LYS A 15 16.04 -2.78 -4.99
CA LYS A 15 16.80 -2.93 -6.23
C LYS A 15 15.89 -3.15 -7.44
N ASP A 16 14.61 -3.27 -7.19
CA ASP A 16 13.63 -3.33 -8.27
C ASP A 16 13.37 -1.94 -8.83
N ASN A 17 14.45 -1.32 -9.32
CA ASN A 17 14.45 0.08 -9.78
C ASN A 17 13.66 0.99 -8.84
N PHE A 18 13.76 0.68 -7.54
CA PHE A 18 13.18 1.47 -6.45
C PHE A 18 11.65 1.49 -6.48
N THR A 19 11.06 0.51 -7.15
CA THR A 19 9.60 0.45 -7.25
C THR A 19 9.16 -0.93 -7.75
N CYS A 20 7.90 -1.07 -8.10
CA CYS A 20 7.38 -2.35 -8.56
C CYS A 20 6.07 -2.17 -9.33
N VAL A 21 5.89 -2.99 -10.35
CA VAL A 21 4.66 -2.96 -11.14
C VAL A 21 3.68 -4.01 -10.63
N THR A 22 2.42 -3.62 -10.55
CA THR A 22 1.37 -4.48 -10.02
C THR A 22 0.15 -4.48 -10.93
N ASP A 23 -0.62 -5.58 -10.86
CA ASP A 23 -1.86 -5.73 -11.61
C ASP A 23 -3.03 -5.10 -10.85
N GLY A 24 -2.83 -4.84 -9.57
CA GLY A 24 -3.93 -4.44 -8.72
C GLY A 24 -3.95 -2.95 -8.43
N LEU A 25 -3.07 -2.52 -7.52
CA LEU A 25 -3.02 -1.11 -7.15
C LEU A 25 -1.77 -0.80 -6.32
N CYS A 26 -1.64 0.47 -5.97
CA CYS A 26 -0.52 0.94 -5.15
C CYS A 26 -0.88 0.78 -3.68
N PHE A 27 0.01 0.19 -2.90
CA PHE A 27 -0.27 -0.04 -1.50
C PHE A 27 0.87 0.47 -0.63
N VAL A 28 0.51 1.08 0.48
CA VAL A 28 1.47 1.67 1.40
C VAL A 28 1.09 1.31 2.83
N SER A 29 2.05 0.81 3.59
CA SER A 29 1.82 0.46 4.98
C SER A 29 2.59 1.39 5.89
N VAL A 30 1.86 2.29 6.50
CA VAL A 30 2.42 3.23 7.44
C VAL A 30 2.05 2.81 8.85
N THR A 31 2.98 2.19 9.54
CA THR A 31 2.74 1.74 10.89
C THR A 31 3.68 2.47 11.86
N GLU A 32 3.20 3.53 12.46
CA GLU A 32 4.06 4.31 13.33
C GLU A 32 3.79 3.96 14.78
N THR A 33 4.71 3.18 15.32
CA THR A 33 4.62 2.71 16.68
C THR A 33 5.36 3.66 17.60
N THR A 34 5.45 3.31 18.87
CA THR A 34 6.30 4.05 19.79
C THR A 34 7.72 3.52 19.66
N ASP A 35 7.83 2.45 18.88
CA ASP A 35 9.11 1.82 18.57
C ASP A 35 9.84 2.65 17.53
N LYS A 36 9.16 2.83 16.41
CA LYS A 36 9.76 3.49 15.25
C LYS A 36 8.66 3.87 14.28
N VAL A 37 9.01 4.65 13.29
CA VAL A 37 8.11 4.98 12.22
C VAL A 37 8.28 3.95 11.11
N ILE A 38 7.33 3.05 11.00
CA ILE A 38 7.44 1.96 10.05
C ILE A 38 6.73 2.34 8.77
N HIS A 39 7.49 2.89 7.84
CA HIS A 39 6.95 3.32 6.55
C HIS A 39 7.37 2.35 5.47
N ASN A 40 6.41 1.64 4.91
CA ASN A 40 6.69 0.75 3.79
C ASN A 40 5.62 0.90 2.73
N SER A 41 5.76 0.13 1.66
CA SER A 41 4.91 0.27 0.50
C SER A 41 5.26 -0.82 -0.49
N MET A 42 4.24 -1.45 -1.03
CA MET A 42 4.43 -2.58 -1.90
C MET A 42 3.57 -2.43 -3.14
N CYS A 43 3.95 -3.16 -4.16
CA CYS A 43 3.13 -3.25 -5.36
C CYS A 43 2.05 -4.30 -5.13
N ILE A 44 0.91 -3.89 -4.61
CA ILE A 44 -0.12 -4.83 -4.28
C ILE A 44 -0.80 -5.30 -5.56
N ALA A 45 -0.55 -6.54 -5.91
CA ALA A 45 -1.12 -7.11 -7.09
C ALA A 45 -2.56 -7.46 -6.83
N GLU A 46 -3.31 -7.63 -7.89
CA GLU A 46 -4.74 -7.88 -7.77
C GLU A 46 -4.99 -9.22 -7.07
N ILE A 47 -4.11 -10.18 -7.30
CA ILE A 47 -4.18 -11.47 -6.62
C ILE A 47 -4.14 -11.28 -5.11
N ASP A 48 -3.43 -10.24 -4.67
CA ASP A 48 -3.27 -9.97 -3.26
C ASP A 48 -4.26 -8.91 -2.80
N LEU A 49 -5.26 -8.64 -3.62
CA LEU A 49 -6.39 -7.85 -3.16
C LEU A 49 -7.30 -8.79 -2.41
N ILE A 50 -7.23 -8.74 -1.09
CA ILE A 50 -7.93 -9.70 -0.26
C ILE A 50 -8.83 -8.99 0.73
N PRO A 51 -10.15 -8.97 0.51
CA PRO A 51 -10.79 -9.50 -0.69
C PRO A 51 -10.61 -8.58 -1.90
N ARG A 52 -10.95 -9.07 -3.08
CA ARG A 52 -10.67 -8.37 -4.32
C ARG A 52 -11.46 -7.07 -4.45
N ASP A 53 -12.60 -6.97 -3.77
CA ASP A 53 -13.44 -5.79 -3.89
C ASP A 53 -12.90 -4.67 -3.01
N ARG A 54 -12.30 -5.08 -1.91
CA ARG A 54 -11.74 -4.14 -0.97
C ARG A 54 -10.73 -4.85 -0.06
N PRO A 55 -9.47 -4.89 -0.49
CA PRO A 55 -8.40 -5.55 0.26
C PRO A 55 -8.29 -5.06 1.70
N PHE A 56 -8.51 -5.97 2.64
CA PHE A 56 -8.27 -5.67 4.04
C PHE A 56 -6.78 -5.49 4.27
N VAL A 57 -5.98 -5.84 3.28
CA VAL A 57 -4.56 -5.53 3.32
C VAL A 57 -4.40 -4.03 3.46
N CYS A 58 -5.34 -3.32 2.85
CA CYS A 58 -5.38 -1.88 2.92
C CYS A 58 -6.25 -1.41 4.11
N ALA A 59 -6.56 -2.34 5.01
CA ALA A 59 -7.31 -2.03 6.23
C ALA A 59 -7.28 -3.22 7.18
N PRO A 60 -6.08 -3.58 7.68
CA PRO A 60 -5.88 -4.80 8.44
C PRO A 60 -6.01 -4.59 9.94
N SER A 61 -6.93 -3.72 10.32
CA SER A 61 -7.09 -3.29 11.72
C SER A 61 -5.81 -2.59 12.19
N SER A 62 -5.91 -1.29 12.40
CA SER A 62 -4.75 -0.47 12.72
C SER A 62 -4.21 -0.75 14.13
N LYS A 63 -4.81 -1.73 14.80
CA LYS A 63 -4.40 -2.12 16.14
C LYS A 63 -3.42 -3.30 16.08
N THR A 64 -3.24 -3.85 14.88
CA THR A 64 -2.33 -4.97 14.68
C THR A 64 -0.89 -4.58 14.99
N GLY A 65 -0.47 -3.45 14.44
CA GLY A 65 0.81 -2.88 14.79
C GLY A 65 0.65 -1.71 15.72
N SER A 66 0.76 -0.51 15.17
CA SER A 66 0.42 0.69 15.90
C SER A 66 0.21 1.84 14.93
N VAL A 67 -1.01 2.37 14.95
CA VAL A 67 -1.42 3.42 14.01
C VAL A 67 -1.04 3.04 12.59
N THR A 68 -1.76 2.09 12.04
CA THR A 68 -1.50 1.61 10.69
C THR A 68 -2.39 2.36 9.71
N THR A 69 -1.80 3.35 9.06
CA THR A 69 -2.51 4.12 8.07
C THR A 69 -2.14 3.57 6.69
N THR A 70 -2.99 2.70 6.18
CA THR A 70 -2.71 2.02 4.93
C THR A 70 -3.25 2.82 3.76
N TYR A 71 -2.53 2.80 2.66
CA TYR A 71 -2.92 3.53 1.47
C TYR A 71 -3.02 2.58 0.29
N CYS A 72 -4.10 2.69 -0.47
CA CYS A 72 -4.25 1.90 -1.68
C CYS A 72 -4.87 2.75 -2.78
N CYS A 73 -4.22 2.76 -3.96
CA CYS A 73 -4.63 3.61 -5.07
C CYS A 73 -4.54 2.86 -6.38
N ASN A 74 -5.55 2.99 -7.22
CA ASN A 74 -5.61 2.21 -8.46
C ASN A 74 -4.98 2.96 -9.63
N GLN A 75 -4.47 4.16 -9.36
CA GLN A 75 -3.81 4.95 -10.38
C GLN A 75 -2.33 4.59 -10.48
N ASP A 76 -1.76 4.69 -11.67
CA ASP A 76 -0.36 4.36 -11.88
C ASP A 76 0.54 5.34 -11.13
N HIS A 77 1.57 4.81 -10.48
CA HIS A 77 2.54 5.61 -9.73
C HIS A 77 1.87 6.35 -8.57
N CYS A 78 0.62 6.01 -8.29
CA CYS A 78 -0.15 6.72 -7.28
C CYS A 78 0.15 6.17 -5.89
N ASN A 79 1.34 6.45 -5.40
CA ASN A 79 1.70 6.07 -4.05
C ASN A 79 1.52 7.29 -3.15
N LYS A 80 1.54 7.07 -1.85
CA LYS A 80 1.27 8.14 -0.90
C LYS A 80 1.69 7.68 0.49
N ILE A 81 1.07 8.20 1.54
CA ILE A 81 1.49 7.84 2.88
C ILE A 81 0.31 7.70 3.84
N GLU A 82 -0.91 7.84 3.34
CA GLU A 82 -2.10 7.72 4.17
C GLU A 82 -3.37 7.72 3.34
N LEU A 83 -4.24 6.74 3.57
CA LEU A 83 -5.57 6.76 3.00
C LEU A 83 -6.61 6.91 4.10
N PRO A 84 -7.38 8.01 4.08
CA PRO A 84 -8.40 8.28 5.10
C PRO A 84 -9.59 7.33 5.02
N THR A 85 -9.71 6.65 3.89
CA THR A 85 -10.84 5.77 3.65
C THR A 85 -10.78 4.52 4.53
N THR A 86 -9.64 3.85 4.52
CA THR A 86 -9.49 2.60 5.25
C THR A 86 -8.40 2.70 6.31
N VAL A 87 -8.82 2.95 7.54
CA VAL A 87 -7.90 3.04 8.67
C VAL A 87 -8.68 2.93 9.98
N GLY A 1 -1.09 5.21 -16.93
CA GLY A 1 -0.61 4.00 -16.28
C GLY A 1 -1.49 3.58 -15.13
N SER A 2 -2.57 4.32 -14.91
CA SER A 2 -3.49 4.04 -13.82
C SER A 2 -4.44 2.91 -14.21
N ALA A 3 -4.95 2.21 -13.19
CA ALA A 3 -5.90 1.11 -13.36
C ALA A 3 -5.23 -0.14 -13.95
N THR A 4 -4.60 0.02 -15.11
CA THR A 4 -3.99 -1.11 -15.81
C THR A 4 -2.46 -1.09 -15.63
N ALA A 5 -1.97 -2.03 -14.82
CA ALA A 5 -0.54 -2.22 -14.57
C ALA A 5 0.06 -1.01 -13.87
N LEU A 6 -0.06 -0.99 -12.55
CA LEU A 6 0.43 0.12 -11.75
C LEU A 6 1.90 -0.05 -11.41
N GLN A 7 2.68 1.00 -11.57
CA GLN A 7 4.06 0.99 -11.13
C GLN A 7 4.20 1.93 -9.93
N CYS A 8 4.37 1.35 -8.76
CA CYS A 8 4.43 2.11 -7.53
C CYS A 8 5.78 1.90 -6.85
N PHE A 9 6.42 3.00 -6.43
CA PHE A 9 7.70 2.91 -5.72
C PHE A 9 7.57 1.92 -4.59
N CYS A 10 8.53 1.02 -4.50
CA CYS A 10 8.41 -0.12 -3.62
C CYS A 10 9.67 -0.31 -2.82
N HIS A 11 9.55 -0.20 -1.51
CA HIS A 11 10.72 -0.15 -0.65
C HIS A 11 11.26 -1.53 -0.32
N LEU A 12 10.41 -2.54 -0.35
CA LEU A 12 10.85 -3.90 -0.10
C LEU A 12 11.46 -4.49 -1.37
N CYS A 13 11.19 -3.83 -2.49
CA CYS A 13 11.75 -4.19 -3.77
C CYS A 13 13.19 -3.69 -3.91
N THR A 14 13.44 -2.53 -3.31
CA THR A 14 14.74 -1.87 -3.37
C THR A 14 15.25 -1.68 -4.80
N LYS A 15 16.03 -2.62 -5.32
CA LYS A 15 16.65 -2.49 -6.64
C LYS A 15 15.74 -2.98 -7.76
N ASP A 16 14.46 -3.07 -7.49
CA ASP A 16 13.48 -3.38 -8.52
C ASP A 16 13.08 -2.12 -9.27
N ASN A 17 14.09 -1.39 -9.76
CA ASN A 17 13.89 -0.07 -10.38
C ASN A 17 13.38 0.92 -9.34
N PHE A 18 13.56 0.55 -8.06
CA PHE A 18 13.06 1.33 -6.93
C PHE A 18 11.53 1.44 -7.00
N THR A 19 10.90 0.39 -7.51
CA THR A 19 9.46 0.38 -7.69
C THR A 19 9.00 -1.04 -8.03
N CYS A 20 7.75 -1.19 -8.40
CA CYS A 20 7.22 -2.48 -8.75
C CYS A 20 5.95 -2.35 -9.56
N VAL A 21 5.78 -3.24 -10.54
CA VAL A 21 4.58 -3.27 -11.35
C VAL A 21 3.60 -4.30 -10.78
N THR A 22 2.34 -3.92 -10.71
CA THR A 22 1.32 -4.75 -10.08
C THR A 22 0.09 -4.90 -10.96
N ASP A 23 -0.59 -6.03 -10.78
CA ASP A 23 -1.84 -6.31 -11.48
C ASP A 23 -3.01 -5.69 -10.72
N GLY A 24 -2.78 -5.30 -9.46
CA GLY A 24 -3.85 -4.80 -8.64
C GLY A 24 -3.87 -3.28 -8.55
N LEU A 25 -3.01 -2.72 -7.71
CA LEU A 25 -2.97 -1.27 -7.49
C LEU A 25 -1.79 -0.88 -6.59
N CYS A 26 -1.71 0.40 -6.23
CA CYS A 26 -0.63 0.91 -5.38
C CYS A 26 -1.05 0.83 -3.92
N PHE A 27 -0.16 0.37 -3.05
CA PHE A 27 -0.51 0.15 -1.67
C PHE A 27 0.59 0.64 -0.73
N VAL A 28 0.34 1.77 -0.11
CA VAL A 28 1.25 2.30 0.90
C VAL A 28 0.83 1.82 2.28
N SER A 29 1.69 1.06 2.94
CA SER A 29 1.38 0.53 4.26
C SER A 29 2.23 1.21 5.30
N VAL A 30 1.61 2.10 6.05
CA VAL A 30 2.27 2.77 7.13
C VAL A 30 1.81 2.21 8.47
N THR A 31 2.61 1.33 9.04
CA THR A 31 2.25 0.70 10.29
C THR A 31 3.00 1.37 11.42
N GLU A 32 2.41 2.39 12.00
CA GLU A 32 3.06 3.12 13.08
C GLU A 32 2.62 2.57 14.42
N THR A 33 3.45 1.70 14.96
CA THR A 33 3.21 1.11 16.25
C THR A 33 4.23 1.65 17.24
N THR A 34 4.24 1.13 18.45
CA THR A 34 5.27 1.50 19.40
C THR A 34 6.52 0.67 19.16
N ASP A 35 6.41 -0.24 18.20
CA ASP A 35 7.53 -1.02 17.72
C ASP A 35 8.45 -0.10 16.93
N LYS A 36 7.86 0.56 15.94
CA LYS A 36 8.56 1.54 15.14
C LYS A 36 7.57 2.24 14.21
N VAL A 37 8.02 3.31 13.59
CA VAL A 37 7.21 4.03 12.62
C VAL A 37 7.50 3.47 11.24
N ILE A 38 6.60 2.63 10.76
CA ILE A 38 6.82 1.87 9.53
C ILE A 38 6.15 2.55 8.34
N HIS A 39 6.94 3.01 7.39
CA HIS A 39 6.41 3.56 6.15
C HIS A 39 6.98 2.78 4.97
N ASN A 40 6.16 1.91 4.39
CA ASN A 40 6.59 1.11 3.26
C ASN A 40 5.46 0.95 2.25
N SER A 41 5.73 1.34 1.01
CA SER A 41 4.76 1.17 -0.05
C SER A 41 5.11 -0.02 -0.90
N MET A 42 4.13 -0.86 -1.14
CA MET A 42 4.32 -2.05 -1.91
C MET A 42 3.44 -2.01 -3.13
N CYS A 43 3.82 -2.74 -4.14
CA CYS A 43 2.96 -2.97 -5.28
C CYS A 43 1.99 -4.06 -4.91
N ILE A 44 0.76 -3.66 -4.63
CA ILE A 44 -0.18 -4.63 -4.17
C ILE A 44 -0.83 -5.27 -5.39
N ALA A 45 -0.50 -6.52 -5.62
CA ALA A 45 -1.04 -7.24 -6.75
C ALA A 45 -2.46 -7.66 -6.44
N GLU A 46 -3.20 -8.02 -7.47
CA GLU A 46 -4.58 -8.45 -7.27
C GLU A 46 -4.63 -9.63 -6.32
N ILE A 47 -3.63 -10.50 -6.42
CA ILE A 47 -3.48 -11.63 -5.51
C ILE A 47 -3.30 -11.18 -4.07
N ASP A 48 -2.82 -9.95 -3.88
CA ASP A 48 -2.54 -9.41 -2.56
C ASP A 48 -3.71 -8.57 -2.06
N LEU A 49 -4.70 -8.37 -2.93
CA LEU A 49 -5.93 -7.69 -2.53
C LEU A 49 -6.80 -8.67 -1.77
N ILE A 50 -6.80 -8.54 -0.45
CA ILE A 50 -7.48 -9.50 0.40
C ILE A 50 -8.46 -8.79 1.33
N PRO A 51 -9.78 -8.85 1.05
CA PRO A 51 -10.36 -9.51 -0.12
C PRO A 51 -10.19 -8.70 -1.40
N ARG A 52 -10.50 -9.31 -2.54
CA ARG A 52 -10.19 -8.72 -3.84
C ARG A 52 -11.11 -7.56 -4.22
N ASP A 53 -12.27 -7.47 -3.59
CA ASP A 53 -13.19 -6.38 -3.86
C ASP A 53 -12.72 -5.14 -3.14
N ARG A 54 -12.13 -5.35 -1.97
CA ARG A 54 -11.60 -4.27 -1.18
C ARG A 54 -10.63 -4.82 -0.14
N PRO A 55 -9.32 -4.81 -0.45
CA PRO A 55 -8.28 -5.31 0.44
C PRO A 55 -8.44 -4.81 1.88
N PHE A 56 -8.80 -5.72 2.75
CA PHE A 56 -8.86 -5.46 4.19
C PHE A 56 -7.45 -5.17 4.71
N VAL A 57 -6.46 -5.58 3.95
CA VAL A 57 -5.08 -5.18 4.24
C VAL A 57 -4.99 -3.65 4.21
N CYS A 58 -5.90 -3.03 3.46
CA CYS A 58 -5.98 -1.57 3.37
C CYS A 58 -7.03 -1.02 4.33
N ALA A 59 -7.43 -1.83 5.29
CA ALA A 59 -8.27 -1.38 6.40
C ALA A 59 -8.11 -2.32 7.58
N PRO A 60 -6.90 -2.38 8.16
CA PRO A 60 -6.54 -3.40 9.16
C PRO A 60 -7.47 -3.43 10.39
N SER A 61 -7.29 -4.46 11.20
CA SER A 61 -8.11 -4.68 12.39
C SER A 61 -7.68 -3.74 13.52
N SER A 62 -7.54 -2.47 13.19
CA SER A 62 -7.09 -1.47 14.13
C SER A 62 -8.25 -1.02 15.03
N LYS A 63 -8.53 -1.84 16.03
CA LYS A 63 -9.49 -1.49 17.06
C LYS A 63 -8.75 -0.90 18.25
N THR A 64 -7.56 -1.43 18.50
CA THR A 64 -6.67 -0.96 19.54
C THR A 64 -5.23 -1.24 19.15
N GLY A 65 -4.45 -0.18 18.92
CA GLY A 65 -3.07 -0.34 18.49
C GLY A 65 -2.97 -0.50 16.99
N SER A 66 -1.75 -0.79 16.52
CA SER A 66 -1.46 -0.92 15.08
C SER A 66 -2.05 0.23 14.26
N VAL A 67 -1.40 1.38 14.31
CA VAL A 67 -1.85 2.52 13.53
C VAL A 67 -1.35 2.37 12.11
N THR A 68 -2.03 1.53 11.35
CA THR A 68 -1.68 1.23 9.99
C THR A 68 -2.46 2.14 9.04
N THR A 69 -1.81 3.19 8.59
CA THR A 69 -2.45 4.11 7.67
C THR A 69 -2.13 3.67 6.25
N THR A 70 -3.05 2.88 5.70
CA THR A 70 -2.84 2.25 4.43
C THR A 70 -3.46 3.05 3.29
N TYR A 71 -2.60 3.66 2.48
CA TYR A 71 -3.06 4.39 1.33
C TYR A 71 -2.96 3.53 0.09
N CYS A 72 -4.05 2.89 -0.26
CA CYS A 72 -4.10 2.08 -1.46
C CYS A 72 -4.90 2.82 -2.54
N CYS A 73 -4.33 2.92 -3.72
CA CYS A 73 -4.89 3.74 -4.78
C CYS A 73 -4.68 3.07 -6.14
N ASN A 74 -5.57 3.36 -7.08
CA ASN A 74 -5.50 2.74 -8.41
C ASN A 74 -4.75 3.64 -9.38
N GLN A 75 -4.20 4.74 -8.87
CA GLN A 75 -3.49 5.70 -9.71
C GLN A 75 -2.03 5.30 -9.86
N ASP A 76 -1.49 5.48 -11.04
CA ASP A 76 -0.08 5.19 -11.29
C ASP A 76 0.80 6.18 -10.54
N HIS A 77 1.97 5.71 -10.10
CA HIS A 77 2.95 6.54 -9.41
C HIS A 77 2.38 7.10 -8.11
N CYS A 78 1.35 6.44 -7.60
CA CYS A 78 0.69 6.85 -6.37
C CYS A 78 1.20 5.97 -5.22
N ASN A 79 2.34 6.34 -4.68
CA ASN A 79 3.01 5.48 -3.71
C ASN A 79 3.58 6.26 -2.53
N LYS A 80 3.39 7.56 -2.51
CA LYS A 80 3.84 8.36 -1.38
C LYS A 80 2.80 9.38 -0.98
N ILE A 81 1.70 8.87 -0.46
CA ILE A 81 0.65 9.68 0.14
C ILE A 81 0.10 8.86 1.29
N GLU A 82 -0.06 9.46 2.44
CA GLU A 82 -0.52 8.72 3.59
C GLU A 82 -1.69 9.41 4.28
N LEU A 83 -2.38 8.65 5.12
CA LEU A 83 -3.55 9.14 5.82
C LEU A 83 -3.12 9.85 7.09
N PRO A 84 -3.77 10.97 7.43
CA PRO A 84 -3.47 11.72 8.65
C PRO A 84 -4.01 11.03 9.89
N THR A 85 -3.47 9.85 10.19
CA THR A 85 -3.92 9.02 11.30
C THR A 85 -5.38 8.60 11.12
N THR A 86 -5.59 7.60 10.26
CA THR A 86 -6.92 7.13 9.96
C THR A 86 -6.89 5.64 9.63
N VAL A 87 -7.47 4.84 10.51
CA VAL A 87 -7.56 3.40 10.31
C VAL A 87 -8.59 2.76 11.25
N GLY A 1 -2.62 3.03 -18.01
CA GLY A 1 -1.87 2.10 -17.21
C GLY A 1 -2.59 1.75 -15.93
N SER A 2 -3.44 2.66 -15.48
CA SER A 2 -4.20 2.46 -14.26
C SER A 2 -5.14 1.26 -14.38
N ALA A 3 -5.22 0.47 -13.30
CA ALA A 3 -6.05 -0.74 -13.27
C ALA A 3 -5.58 -1.78 -14.28
N THR A 4 -4.29 -1.73 -14.62
CA THR A 4 -3.70 -2.70 -15.53
C THR A 4 -2.23 -2.91 -15.19
N ALA A 5 -1.47 -1.83 -15.18
CA ALA A 5 -0.06 -1.88 -14.86
C ALA A 5 0.29 -0.72 -13.94
N LEU A 6 0.17 -0.96 -12.65
CA LEU A 6 0.43 0.08 -11.66
C LEU A 6 1.84 -0.04 -11.14
N GLN A 7 2.70 0.89 -11.51
CA GLN A 7 4.05 0.89 -10.99
C GLN A 7 4.10 1.75 -9.74
N CYS A 8 3.98 1.08 -8.60
CA CYS A 8 3.91 1.77 -7.32
C CYS A 8 5.12 1.40 -6.48
N PHE A 9 5.64 2.37 -5.73
CA PHE A 9 6.87 2.17 -4.96
C PHE A 9 6.75 0.95 -4.07
N CYS A 10 7.85 0.22 -3.91
CA CYS A 10 7.91 -0.84 -2.94
C CYS A 10 9.22 -0.74 -2.16
N HIS A 11 9.09 -0.33 -0.91
CA HIS A 11 10.21 0.09 -0.08
C HIS A 11 11.19 -1.05 0.21
N LEU A 12 10.77 -2.29 -0.01
CA LEU A 12 11.63 -3.43 0.31
C LEU A 12 12.26 -4.05 -0.93
N CYS A 13 11.91 -3.53 -2.11
CA CYS A 13 12.39 -4.09 -3.37
C CYS A 13 13.84 -3.74 -3.65
N THR A 14 14.31 -2.64 -3.07
CA THR A 14 15.63 -2.08 -3.38
C THR A 14 15.84 -1.91 -4.89
N LYS A 15 16.45 -2.90 -5.55
CA LYS A 15 16.80 -2.77 -6.95
C LYS A 15 15.82 -3.48 -7.88
N ASP A 16 14.54 -3.40 -7.56
CA ASP A 16 13.50 -3.92 -8.47
C ASP A 16 13.23 -2.89 -9.56
N ASN A 17 13.84 -1.72 -9.37
CA ASN A 17 13.51 -0.45 -10.05
C ASN A 17 13.06 0.57 -8.99
N PHE A 18 13.22 0.17 -7.71
CA PHE A 18 12.70 0.90 -6.56
C PHE A 18 11.18 0.85 -6.54
N THR A 19 10.65 -0.08 -7.32
CA THR A 19 9.23 -0.22 -7.52
C THR A 19 8.97 -1.45 -8.40
N CYS A 20 7.76 -1.94 -8.39
CA CYS A 20 7.40 -3.06 -9.23
C CYS A 20 6.11 -2.71 -9.95
N VAL A 21 5.97 -3.19 -11.17
CA VAL A 21 4.75 -2.94 -11.92
C VAL A 21 3.72 -4.02 -11.60
N THR A 22 2.66 -3.59 -10.94
CA THR A 22 1.71 -4.49 -10.33
C THR A 22 0.39 -4.53 -11.10
N ASP A 23 -0.37 -5.58 -10.83
CA ASP A 23 -1.61 -5.86 -11.55
C ASP A 23 -2.81 -5.41 -10.72
N GLY A 24 -2.57 -5.01 -9.48
CA GLY A 24 -3.66 -4.65 -8.60
C GLY A 24 -3.80 -3.15 -8.41
N LEU A 25 -3.01 -2.58 -7.51
CA LEU A 25 -3.09 -1.16 -7.22
C LEU A 25 -1.89 -0.69 -6.41
N CYS A 26 -1.85 0.60 -6.15
CA CYS A 26 -0.80 1.20 -5.35
C CYS A 26 -1.19 1.15 -3.89
N PHE A 27 -0.26 0.72 -3.05
CA PHE A 27 -0.58 0.48 -1.66
C PHE A 27 0.50 1.08 -0.76
N VAL A 28 0.08 1.56 0.39
CA VAL A 28 0.97 2.18 1.35
C VAL A 28 0.66 1.62 2.74
N SER A 29 1.69 1.15 3.43
CA SER A 29 1.51 0.67 4.79
C SER A 29 2.49 1.37 5.72
N VAL A 30 1.96 2.30 6.50
CA VAL A 30 2.75 3.01 7.49
C VAL A 30 2.35 2.57 8.88
N THR A 31 3.23 1.84 9.53
CA THR A 31 2.96 1.32 10.85
C THR A 31 3.82 2.06 11.88
N GLU A 32 3.27 3.10 12.48
CA GLU A 32 4.02 3.87 13.46
C GLU A 32 3.62 3.49 14.87
N THR A 33 4.45 2.66 15.46
CA THR A 33 4.23 2.21 16.82
C THR A 33 5.13 2.99 17.77
N THR A 34 5.11 2.61 19.04
CA THR A 34 6.06 3.16 19.99
C THR A 34 7.40 2.44 19.85
N ASP A 35 7.41 1.45 18.96
CA ASP A 35 8.61 0.71 18.65
C ASP A 35 9.47 1.54 17.71
N LYS A 36 8.86 1.98 16.63
CA LYS A 36 9.54 2.78 15.61
C LYS A 36 8.55 3.27 14.57
N VAL A 37 9.01 4.17 13.73
CA VAL A 37 8.21 4.71 12.65
C VAL A 37 8.52 3.96 11.37
N ILE A 38 7.56 3.16 10.93
CA ILE A 38 7.76 2.28 9.80
C ILE A 38 6.92 2.70 8.60
N HIS A 39 7.55 3.33 7.63
CA HIS A 39 6.87 3.71 6.39
C HIS A 39 7.27 2.76 5.27
N ASN A 40 6.31 2.00 4.76
CA ASN A 40 6.58 1.06 3.69
C ASN A 40 5.49 1.15 2.62
N SER A 41 5.85 1.63 1.45
CA SER A 41 4.97 1.60 0.30
C SER A 41 5.22 0.32 -0.46
N MET A 42 4.17 -0.36 -0.88
CA MET A 42 4.32 -1.59 -1.61
C MET A 42 3.41 -1.63 -2.81
N CYS A 43 3.87 -2.27 -3.85
CA CYS A 43 3.05 -2.52 -5.02
C CYS A 43 2.18 -3.74 -4.78
N ILE A 44 0.89 -3.54 -4.81
CA ILE A 44 -0.04 -4.59 -4.48
C ILE A 44 -0.61 -5.18 -5.78
N ALA A 45 -0.30 -6.43 -6.05
CA ALA A 45 -0.85 -7.08 -7.22
C ALA A 45 -2.30 -7.37 -6.99
N GLU A 46 -3.01 -7.69 -8.05
CA GLU A 46 -4.44 -7.94 -7.91
C GLU A 46 -4.68 -9.16 -7.03
N ILE A 47 -3.79 -10.14 -7.12
CA ILE A 47 -3.83 -11.29 -6.24
C ILE A 47 -3.63 -10.87 -4.78
N ASP A 48 -3.01 -9.70 -4.58
CA ASP A 48 -2.75 -9.19 -3.25
C ASP A 48 -3.93 -8.39 -2.75
N LEU A 49 -4.96 -8.26 -3.58
CA LEU A 49 -6.21 -7.68 -3.13
C LEU A 49 -6.95 -8.73 -2.32
N ILE A 50 -6.88 -8.59 -1.01
CA ILE A 50 -7.45 -9.58 -0.13
C ILE A 50 -8.43 -8.91 0.83
N PRO A 51 -9.76 -9.08 0.64
CA PRO A 51 -10.36 -9.80 -0.50
C PRO A 51 -10.28 -8.99 -1.80
N ARG A 52 -10.61 -9.64 -2.91
CA ARG A 52 -10.44 -9.06 -4.25
C ARG A 52 -11.42 -7.90 -4.50
N ASP A 53 -12.48 -7.82 -3.69
CA ASP A 53 -13.47 -6.75 -3.84
C ASP A 53 -12.89 -5.47 -3.26
N ARG A 54 -12.23 -5.64 -2.14
CA ARG A 54 -11.60 -4.54 -1.44
C ARG A 54 -10.57 -5.09 -0.49
N PRO A 55 -9.28 -4.92 -0.80
CA PRO A 55 -8.21 -5.37 0.07
C PRO A 55 -8.39 -4.81 1.46
N PHE A 56 -8.81 -5.66 2.38
CA PHE A 56 -8.92 -5.24 3.76
C PHE A 56 -7.53 -4.94 4.29
N VAL A 57 -6.51 -5.34 3.53
CA VAL A 57 -5.14 -4.97 3.86
C VAL A 57 -5.00 -3.45 3.90
N CYS A 58 -5.92 -2.77 3.22
CA CYS A 58 -5.95 -1.32 3.19
C CYS A 58 -6.84 -0.79 4.33
N ALA A 59 -7.16 -1.67 5.25
CA ALA A 59 -7.89 -1.35 6.48
C ALA A 59 -8.06 -2.61 7.33
N PRO A 60 -6.96 -3.12 7.89
CA PRO A 60 -6.90 -4.46 8.48
C PRO A 60 -7.44 -4.51 9.89
N SER A 61 -8.24 -3.51 10.27
CA SER A 61 -8.80 -3.43 11.62
C SER A 61 -7.68 -3.18 12.64
N SER A 62 -6.52 -2.80 12.13
CA SER A 62 -5.35 -2.52 12.93
C SER A 62 -5.51 -1.22 13.71
N LYS A 63 -6.02 -1.32 14.93
CA LYS A 63 -6.35 -0.16 15.74
C LYS A 63 -5.13 0.31 16.51
N THR A 64 -4.79 -0.44 17.55
CA THR A 64 -3.67 -0.07 18.41
C THR A 64 -2.67 -1.22 18.45
N GLY A 65 -1.44 -0.92 18.84
CA GLY A 65 -0.38 -1.90 18.78
C GLY A 65 0.21 -1.96 17.38
N SER A 66 -0.20 -1.02 16.56
CA SER A 66 0.20 -0.96 15.17
C SER A 66 0.05 0.46 14.64
N VAL A 67 -1.20 0.95 14.59
CA VAL A 67 -1.50 2.27 14.06
C VAL A 67 -0.97 2.35 12.65
N THR A 68 -1.59 1.55 11.80
CA THR A 68 -1.13 1.38 10.44
C THR A 68 -2.01 2.21 9.51
N THR A 69 -1.42 3.24 8.95
CA THR A 69 -2.13 4.15 8.08
C THR A 69 -1.94 3.71 6.64
N THR A 70 -2.93 2.99 6.14
CA THR A 70 -2.84 2.34 4.85
C THR A 70 -3.49 3.17 3.75
N TYR A 71 -2.87 3.16 2.57
CA TYR A 71 -3.43 3.83 1.43
C TYR A 71 -3.50 2.88 0.24
N CYS A 72 -4.52 3.00 -0.58
CA CYS A 72 -4.64 2.21 -1.80
C CYS A 72 -5.21 3.06 -2.92
N CYS A 73 -4.59 2.98 -4.09
CA CYS A 73 -5.00 3.81 -5.22
C CYS A 73 -4.82 3.04 -6.52
N ASN A 74 -5.71 3.26 -7.46
CA ASN A 74 -5.70 2.49 -8.70
C ASN A 74 -4.96 3.23 -9.80
N GLN A 75 -4.41 4.38 -9.47
CA GLN A 75 -3.64 5.18 -10.42
C GLN A 75 -2.16 4.81 -10.34
N ASP A 76 -1.43 5.05 -11.42
CA ASP A 76 0.01 4.73 -11.48
C ASP A 76 0.81 5.62 -10.52
N HIS A 77 1.73 5.00 -9.77
CA HIS A 77 2.59 5.72 -8.82
C HIS A 77 1.79 6.44 -7.75
N CYS A 78 0.53 6.04 -7.60
CA CYS A 78 -0.38 6.71 -6.72
C CYS A 78 -0.30 6.12 -5.31
N ASN A 79 0.91 5.93 -4.81
CA ASN A 79 1.09 5.45 -3.45
C ASN A 79 2.17 6.28 -2.74
N LYS A 80 2.24 7.55 -3.10
CA LYS A 80 3.13 8.48 -2.42
C LYS A 80 2.35 9.36 -1.45
N ILE A 81 1.04 9.42 -1.64
CA ILE A 81 0.17 10.19 -0.77
C ILE A 81 -0.36 9.28 0.35
N GLU A 82 0.29 9.33 1.50
CA GLU A 82 -0.12 8.50 2.61
C GLU A 82 -1.50 8.92 3.10
N LEU A 83 -2.24 7.98 3.62
CA LEU A 83 -3.58 8.25 4.09
C LEU A 83 -3.62 8.23 5.61
N PRO A 84 -4.05 9.34 6.23
CA PRO A 84 -4.20 9.41 7.68
C PRO A 84 -5.34 8.51 8.17
N THR A 85 -6.09 7.98 7.23
CA THR A 85 -7.14 7.03 7.51
C THR A 85 -6.53 5.70 7.95
N THR A 86 -6.62 5.42 9.23
CA THR A 86 -6.01 4.23 9.79
C THR A 86 -7.07 3.29 10.34
N VAL A 87 -6.67 2.04 10.58
CA VAL A 87 -7.53 0.96 11.09
C VAL A 87 -8.58 0.53 10.05
N GLY A 1 -0.94 3.64 -17.23
CA GLY A 1 -1.47 2.31 -16.98
C GLY A 1 -2.30 2.26 -15.72
N SER A 2 -3.08 3.30 -15.49
CA SER A 2 -3.96 3.36 -14.34
C SER A 2 -4.98 2.23 -14.42
N ALA A 3 -4.99 1.39 -13.38
CA ALA A 3 -5.85 0.21 -13.31
C ALA A 3 -5.47 -0.83 -14.36
N THR A 4 -4.29 -0.66 -14.93
CA THR A 4 -3.75 -1.60 -15.91
C THR A 4 -2.23 -1.66 -15.80
N ALA A 5 -1.75 -2.47 -14.87
CA ALA A 5 -0.33 -2.57 -14.55
C ALA A 5 0.17 -1.29 -13.88
N LEU A 6 -0.02 -1.20 -12.57
CA LEU A 6 0.41 -0.05 -11.80
C LEU A 6 1.85 -0.21 -11.35
N GLN A 7 2.65 0.82 -11.55
CA GLN A 7 4.03 0.79 -11.08
C GLN A 7 4.18 1.70 -9.87
N CYS A 8 4.15 1.11 -8.69
CA CYS A 8 4.19 1.91 -7.46
C CYS A 8 5.50 1.68 -6.72
N PHE A 9 6.00 2.74 -6.10
CA PHE A 9 7.27 2.70 -5.37
C PHE A 9 7.30 1.55 -4.37
N CYS A 10 8.42 0.85 -4.34
CA CYS A 10 8.55 -0.33 -3.49
C CYS A 10 9.80 -0.23 -2.62
N HIS A 11 9.62 -0.37 -1.31
CA HIS A 11 10.71 -0.15 -0.35
C HIS A 11 11.69 -1.32 -0.35
N LEU A 12 11.23 -2.50 -0.74
CA LEU A 12 12.04 -3.69 -0.66
C LEU A 12 12.67 -3.99 -2.01
N CYS A 13 12.24 -3.25 -3.01
CA CYS A 13 12.75 -3.42 -4.35
C CYS A 13 13.91 -2.49 -4.59
N THR A 14 14.92 -2.98 -5.29
CA THR A 14 16.12 -2.22 -5.52
C THR A 14 16.40 -2.06 -7.01
N LYS A 15 16.88 -3.13 -7.65
CA LYS A 15 17.12 -3.11 -9.09
C LYS A 15 15.82 -3.30 -9.83
N ASP A 16 14.75 -3.26 -9.07
CA ASP A 16 13.40 -3.31 -9.59
C ASP A 16 12.99 -1.91 -10.05
N ASN A 17 13.98 -1.01 -10.16
CA ASN A 17 13.76 0.41 -10.44
C ASN A 17 13.24 1.10 -9.18
N PHE A 18 13.58 0.52 -8.03
CA PHE A 18 13.10 0.99 -6.72
C PHE A 18 11.57 0.95 -6.68
N THR A 19 11.00 0.10 -7.53
CA THR A 19 9.57 0.03 -7.68
C THR A 19 9.19 -1.32 -8.26
N CYS A 20 7.91 -1.54 -8.51
CA CYS A 20 7.46 -2.77 -9.13
C CYS A 20 6.08 -2.60 -9.75
N VAL A 21 5.83 -3.37 -10.79
CA VAL A 21 4.57 -3.31 -11.50
C VAL A 21 3.57 -4.31 -10.92
N THR A 22 2.31 -3.93 -10.91
CA THR A 22 1.28 -4.69 -10.23
C THR A 22 -0.03 -4.69 -11.01
N ASP A 23 -0.93 -5.60 -10.65
CA ASP A 23 -2.22 -5.71 -11.31
C ASP A 23 -3.35 -5.31 -10.36
N GLY A 24 -2.99 -4.79 -9.21
CA GLY A 24 -4.00 -4.40 -8.24
C GLY A 24 -4.07 -2.90 -8.09
N LEU A 25 -3.19 -2.36 -7.25
CA LEU A 25 -3.14 -0.93 -7.02
C LEU A 25 -1.90 -0.57 -6.20
N CYS A 26 -1.76 0.70 -5.86
CA CYS A 26 -0.64 1.15 -5.05
C CYS A 26 -1.00 1.01 -3.58
N PHE A 27 -0.14 0.41 -2.79
CA PHE A 27 -0.45 0.15 -1.39
C PHE A 27 0.73 0.50 -0.50
N VAL A 28 0.55 1.54 0.29
CA VAL A 28 1.53 1.91 1.30
C VAL A 28 0.92 1.72 2.69
N SER A 29 1.62 0.99 3.54
CA SER A 29 1.11 0.72 4.87
C SER A 29 2.00 1.38 5.92
N VAL A 30 1.49 2.44 6.52
CA VAL A 30 2.18 3.10 7.63
C VAL A 30 1.49 2.73 8.93
N THR A 31 2.04 1.75 9.62
CA THR A 31 1.44 1.23 10.83
C THR A 31 2.20 1.73 12.05
N GLU A 32 1.66 2.76 12.69
CA GLU A 32 2.29 3.31 13.88
C GLU A 32 1.67 2.72 15.13
N THR A 33 2.35 1.74 15.67
CA THR A 33 1.94 1.12 16.90
C THR A 33 2.78 1.64 18.05
N THR A 34 2.66 1.03 19.21
CA THR A 34 3.50 1.37 20.33
C THR A 34 4.89 0.75 20.14
N ASP A 35 4.97 -0.19 19.20
CA ASP A 35 6.21 -0.85 18.87
C ASP A 35 7.14 0.15 18.19
N LYS A 36 6.60 0.82 17.16
CA LYS A 36 7.31 1.83 16.39
C LYS A 36 6.47 2.26 15.20
N VAL A 37 7.04 3.10 14.36
CA VAL A 37 6.38 3.54 13.15
C VAL A 37 6.78 2.63 11.99
N ILE A 38 5.90 1.72 11.64
CA ILE A 38 6.20 0.73 10.62
C ILE A 38 5.66 1.18 9.28
N HIS A 39 6.51 1.84 8.50
CA HIS A 39 6.11 2.40 7.22
C HIS A 39 6.78 1.66 6.08
N ASN A 40 5.97 1.10 5.20
CA ASN A 40 6.48 0.46 4.00
C ASN A 40 5.53 0.70 2.84
N SER A 41 5.89 0.18 1.67
CA SER A 41 5.17 0.47 0.43
C SER A 41 5.46 -0.65 -0.55
N MET A 42 4.40 -1.30 -1.00
CA MET A 42 4.55 -2.41 -1.91
C MET A 42 3.60 -2.25 -3.08
N CYS A 43 3.94 -2.91 -4.16
CA CYS A 43 3.04 -3.05 -5.29
C CYS A 43 2.05 -4.16 -4.98
N ILE A 44 0.82 -3.77 -4.71
CA ILE A 44 -0.17 -4.72 -4.27
C ILE A 44 -0.96 -5.21 -5.49
N ALA A 45 -0.79 -6.48 -5.81
CA ALA A 45 -1.40 -7.03 -7.01
C ALA A 45 -2.84 -7.39 -6.76
N GLU A 46 -3.56 -7.65 -7.84
CA GLU A 46 -4.95 -8.04 -7.74
C GLU A 46 -5.09 -9.33 -6.97
N ILE A 47 -4.18 -10.27 -7.23
CA ILE A 47 -4.15 -11.53 -6.52
C ILE A 47 -3.84 -11.31 -5.04
N ASP A 48 -3.13 -10.21 -4.77
CA ASP A 48 -2.71 -9.89 -3.43
C ASP A 48 -3.75 -9.05 -2.71
N LEU A 49 -4.79 -8.66 -3.44
CA LEU A 49 -5.91 -7.96 -2.81
C LEU A 49 -6.65 -8.97 -1.95
N ILE A 50 -6.48 -8.84 -0.65
CA ILE A 50 -7.06 -9.80 0.27
C ILE A 50 -7.99 -9.12 1.25
N PRO A 51 -9.32 -9.23 1.06
CA PRO A 51 -9.94 -9.83 -0.12
C PRO A 51 -9.95 -8.87 -1.32
N ARG A 52 -10.31 -9.41 -2.48
CA ARG A 52 -10.23 -8.65 -3.75
C ARG A 52 -11.21 -7.49 -3.81
N ASP A 53 -12.28 -7.54 -3.02
CA ASP A 53 -13.28 -6.47 -3.03
C ASP A 53 -12.76 -5.27 -2.26
N ARG A 54 -12.17 -5.58 -1.13
CA ARG A 54 -11.54 -4.57 -0.29
C ARG A 54 -10.41 -5.21 0.48
N PRO A 55 -9.17 -5.11 -0.01
CA PRO A 55 -8.03 -5.68 0.67
C PRO A 55 -7.90 -5.16 2.08
N PHE A 56 -8.20 -6.00 3.05
CA PHE A 56 -8.16 -5.62 4.44
C PHE A 56 -6.72 -5.28 4.84
N VAL A 57 -5.77 -5.66 4.00
CA VAL A 57 -4.40 -5.26 4.19
C VAL A 57 -4.30 -3.74 4.19
N CYS A 58 -5.23 -3.12 3.47
CA CYS A 58 -5.31 -1.68 3.43
C CYS A 58 -6.39 -1.16 4.38
N ALA A 59 -6.99 -2.06 5.14
CA ALA A 59 -7.99 -1.69 6.14
C ALA A 59 -8.08 -2.76 7.22
N PRO A 60 -7.10 -2.79 8.13
CA PRO A 60 -6.94 -3.87 9.10
C PRO A 60 -7.70 -3.63 10.40
N SER A 61 -8.94 -3.14 10.27
CA SER A 61 -9.83 -2.88 11.43
C SER A 61 -9.09 -2.11 12.53
N SER A 62 -8.48 -0.99 12.15
CA SER A 62 -7.66 -0.20 13.06
C SER A 62 -8.52 0.67 13.99
N LYS A 63 -9.63 0.10 14.48
CA LYS A 63 -10.52 0.82 15.40
C LYS A 63 -9.83 1.03 16.74
N THR A 64 -9.02 0.06 17.14
CA THR A 64 -8.26 0.16 18.37
C THR A 64 -6.94 -0.58 18.20
N GLY A 65 -5.84 0.15 18.38
CA GLY A 65 -4.53 -0.42 18.17
C GLY A 65 -4.13 -0.36 16.72
N SER A 66 -2.85 -0.05 16.48
CA SER A 66 -2.30 0.08 15.13
C SER A 66 -2.85 1.30 14.41
N VAL A 67 -2.11 2.39 14.44
CA VAL A 67 -2.45 3.55 13.64
C VAL A 67 -1.93 3.33 12.23
N THR A 68 -2.65 2.54 11.48
CA THR A 68 -2.26 2.19 10.12
C THR A 68 -2.88 3.15 9.11
N THR A 69 -2.05 4.04 8.60
CA THR A 69 -2.47 4.95 7.56
C THR A 69 -2.09 4.38 6.19
N THR A 70 -3.04 3.70 5.57
CA THR A 70 -2.81 2.98 4.33
C THR A 70 -3.18 3.79 3.09
N TYR A 71 -2.17 4.22 2.34
CA TYR A 71 -2.41 4.96 1.11
C TYR A 71 -2.52 3.99 -0.06
N CYS A 72 -3.75 3.72 -0.49
CA CYS A 72 -3.99 2.79 -1.58
C CYS A 72 -4.78 3.45 -2.69
N CYS A 73 -4.31 3.30 -3.94
CA CYS A 73 -4.94 3.96 -5.07
C CYS A 73 -4.53 3.31 -6.40
N ASN A 74 -5.28 3.60 -7.46
CA ASN A 74 -5.12 2.90 -8.74
C ASN A 74 -4.39 3.76 -9.78
N GLN A 75 -3.75 4.83 -9.32
CA GLN A 75 -3.06 5.73 -10.24
C GLN A 75 -1.62 5.26 -10.48
N ASP A 76 -1.04 5.67 -11.60
CA ASP A 76 0.33 5.30 -11.96
C ASP A 76 1.33 5.91 -10.97
N HIS A 77 2.00 5.05 -10.19
CA HIS A 77 3.03 5.50 -9.25
C HIS A 77 2.39 6.35 -8.18
N CYS A 78 1.12 6.07 -7.94
CA CYS A 78 0.27 6.88 -7.07
C CYS A 78 0.76 6.89 -5.63
N ASN A 79 1.45 5.83 -5.20
CA ASN A 79 1.83 5.73 -3.81
C ASN A 79 2.81 6.83 -3.45
N LYS A 80 2.60 7.38 -2.28
CA LYS A 80 3.22 8.65 -1.91
C LYS A 80 3.20 8.91 -0.39
N ILE A 81 2.25 8.30 0.33
CA ILE A 81 2.13 8.42 1.80
C ILE A 81 1.57 9.78 2.18
N GLU A 82 0.28 9.81 2.53
CA GLU A 82 -0.34 11.04 3.02
C GLU A 82 -1.73 10.79 3.61
N LEU A 83 -1.78 10.08 4.73
CA LEU A 83 -3.02 9.95 5.49
C LEU A 83 -2.87 10.60 6.86
N PRO A 84 -3.39 11.82 7.03
CA PRO A 84 -3.33 12.53 8.30
C PRO A 84 -4.37 12.03 9.29
N THR A 85 -5.46 11.48 8.77
CA THR A 85 -6.59 11.07 9.59
C THR A 85 -7.35 9.88 8.98
N THR A 86 -6.66 9.05 8.21
CA THR A 86 -7.35 7.97 7.50
C THR A 86 -6.84 6.60 7.93
N VAL A 87 -7.70 5.85 8.61
CA VAL A 87 -7.36 4.49 9.02
C VAL A 87 -7.59 3.50 7.88
N GLY A 1 -0.68 1.93 -18.98
CA GLY A 1 0.34 2.46 -18.09
C GLY A 1 -0.23 2.88 -16.75
N SER A 2 -1.52 2.64 -16.58
CA SER A 2 -2.19 2.91 -15.32
C SER A 2 -3.44 2.04 -15.23
N ALA A 3 -4.06 2.01 -14.04
CA ALA A 3 -5.26 1.20 -13.78
C ALA A 3 -4.97 -0.30 -13.83
N THR A 4 -4.55 -0.79 -14.97
CA THR A 4 -4.23 -2.20 -15.14
C THR A 4 -2.74 -2.45 -14.88
N ALA A 5 -1.94 -1.41 -15.08
CA ALA A 5 -0.51 -1.51 -14.85
C ALA A 5 -0.03 -0.36 -13.97
N LEU A 6 0.11 -0.63 -12.69
CA LEU A 6 0.57 0.39 -11.76
C LEU A 6 2.03 0.14 -11.41
N GLN A 7 2.81 1.20 -11.32
CA GLN A 7 4.19 1.06 -10.90
C GLN A 7 4.38 1.81 -9.60
N CYS A 8 4.25 1.10 -8.50
CA CYS A 8 4.22 1.73 -7.19
C CYS A 8 5.54 1.52 -6.46
N PHE A 9 5.91 2.49 -5.63
CA PHE A 9 7.18 2.43 -4.90
C PHE A 9 7.28 1.14 -4.10
N CYS A 10 8.41 0.47 -4.20
CA CYS A 10 8.59 -0.82 -3.54
C CYS A 10 9.83 -0.81 -2.65
N HIS A 11 9.62 -1.06 -1.37
CA HIS A 11 10.71 -0.97 -0.39
C HIS A 11 11.62 -2.22 -0.41
N LEU A 12 11.16 -3.30 -1.05
CA LEU A 12 11.93 -4.54 -1.03
C LEU A 12 12.34 -5.01 -2.43
N CYS A 13 11.77 -4.42 -3.46
CA CYS A 13 12.13 -4.77 -4.82
C CYS A 13 13.51 -4.20 -5.11
N THR A 14 13.78 -3.05 -4.52
CA THR A 14 15.11 -2.43 -4.50
C THR A 14 15.66 -2.16 -5.91
N LYS A 15 16.25 -3.17 -6.53
CA LYS A 15 16.89 -3.00 -7.84
C LYS A 15 15.86 -3.00 -8.96
N ASP A 16 14.60 -3.07 -8.59
CA ASP A 16 13.52 -2.94 -9.55
C ASP A 16 13.15 -1.47 -9.70
N ASN A 17 14.17 -0.60 -9.71
CA ASN A 17 13.97 0.85 -9.78
C ASN A 17 13.23 1.32 -8.52
N PHE A 18 13.43 0.56 -7.44
CA PHE A 18 12.77 0.83 -6.16
C PHE A 18 11.26 0.82 -6.32
N THR A 19 10.78 0.03 -7.27
CA THR A 19 9.36 -0.03 -7.58
C THR A 19 9.01 -1.36 -8.25
N CYS A 20 7.74 -1.53 -8.61
CA CYS A 20 7.30 -2.71 -9.32
C CYS A 20 5.98 -2.47 -10.04
N VAL A 21 5.74 -3.27 -11.07
CA VAL A 21 4.50 -3.17 -11.82
C VAL A 21 3.46 -4.18 -11.32
N THR A 22 2.36 -3.63 -10.82
CA THR A 22 1.24 -4.40 -10.28
C THR A 22 0.05 -4.36 -11.24
N ASP A 23 -0.86 -5.33 -11.10
CA ASP A 23 -2.09 -5.35 -11.90
C ASP A 23 -3.29 -5.00 -11.03
N GLY A 24 -3.03 -4.68 -9.77
CA GLY A 24 -4.09 -4.43 -8.81
C GLY A 24 -4.23 -2.95 -8.49
N LEU A 25 -3.35 -2.46 -7.61
CA LEU A 25 -3.35 -1.06 -7.23
C LEU A 25 -2.07 -0.70 -6.48
N CYS A 26 -1.94 0.57 -6.12
CA CYS A 26 -0.83 1.03 -5.31
C CYS A 26 -1.23 0.95 -3.84
N PHE A 27 -0.35 0.38 -3.03
CA PHE A 27 -0.65 0.20 -1.62
C PHE A 27 0.58 0.45 -0.76
N VAL A 28 0.44 1.39 0.15
CA VAL A 28 1.49 1.68 1.11
C VAL A 28 0.88 1.81 2.51
N SER A 29 1.53 1.21 3.49
CA SER A 29 1.03 1.22 4.85
C SER A 29 2.03 1.86 5.80
N VAL A 30 1.59 2.90 6.47
CA VAL A 30 2.38 3.53 7.50
C VAL A 30 1.86 3.09 8.85
N THR A 31 2.55 2.15 9.46
CA THR A 31 2.12 1.57 10.71
C THR A 31 2.86 2.23 11.85
N GLU A 32 2.29 3.30 12.38
CA GLU A 32 2.91 4.00 13.48
C GLU A 32 2.35 3.52 14.80
N THR A 33 3.03 2.54 15.35
CA THR A 33 2.65 1.98 16.63
C THR A 33 3.45 2.66 17.72
N THR A 34 3.30 2.18 18.95
CA THR A 34 4.13 2.65 20.02
C THR A 34 5.45 1.87 20.02
N ASP A 35 5.59 0.99 19.04
CA ASP A 35 6.82 0.26 18.80
C ASP A 35 7.79 1.15 18.06
N LYS A 36 7.30 1.69 16.95
CA LYS A 36 8.07 2.55 16.08
C LYS A 36 7.20 2.97 14.90
N VAL A 37 7.75 3.75 14.00
CA VAL A 37 7.07 4.11 12.79
C VAL A 37 7.45 3.15 11.67
N ILE A 38 6.54 2.24 11.35
CA ILE A 38 6.80 1.27 10.29
C ILE A 38 6.12 1.73 9.00
N HIS A 39 6.87 2.44 8.18
CA HIS A 39 6.31 2.93 6.92
C HIS A 39 6.93 2.20 5.75
N ASN A 40 6.11 1.44 5.06
CA ASN A 40 6.57 0.67 3.92
C ASN A 40 5.74 1.00 2.69
N SER A 41 6.06 0.38 1.58
CA SER A 41 5.41 0.67 0.32
C SER A 41 5.59 -0.52 -0.59
N MET A 42 4.49 -1.03 -1.10
CA MET A 42 4.51 -2.23 -1.90
C MET A 42 3.58 -2.12 -3.08
N CYS A 43 3.86 -2.92 -4.08
CA CYS A 43 2.98 -3.06 -5.22
C CYS A 43 1.98 -4.15 -4.93
N ILE A 44 0.74 -3.80 -4.66
CA ILE A 44 -0.26 -4.80 -4.45
C ILE A 44 -0.81 -5.18 -5.82
N ALA A 45 -0.53 -6.40 -6.23
CA ALA A 45 -1.13 -6.91 -7.42
C ALA A 45 -2.54 -7.34 -7.08
N GLU A 46 -3.33 -7.67 -8.07
CA GLU A 46 -4.70 -8.05 -7.80
C GLU A 46 -4.72 -9.33 -6.96
N ILE A 47 -3.72 -10.15 -7.18
CA ILE A 47 -3.50 -11.36 -6.38
C ILE A 47 -3.27 -11.03 -4.90
N ASP A 48 -2.82 -9.81 -4.64
CA ASP A 48 -2.50 -9.38 -3.28
C ASP A 48 -3.65 -8.62 -2.66
N LEU A 49 -4.73 -8.44 -3.41
CA LEU A 49 -5.94 -7.85 -2.86
C LEU A 49 -6.56 -8.88 -1.92
N ILE A 50 -6.48 -8.63 -0.63
CA ILE A 50 -6.93 -9.60 0.36
C ILE A 50 -8.00 -9.00 1.27
N PRO A 51 -9.29 -9.28 1.00
CA PRO A 51 -9.74 -10.04 -0.17
C PRO A 51 -9.81 -9.17 -1.43
N ARG A 52 -10.01 -9.80 -2.58
CA ARG A 52 -9.97 -9.10 -3.87
C ARG A 52 -11.14 -8.15 -4.03
N ASP A 53 -12.18 -8.35 -3.23
CA ASP A 53 -13.36 -7.50 -3.26
C ASP A 53 -13.01 -6.16 -2.62
N ARG A 54 -12.34 -6.24 -1.49
CA ARG A 54 -11.78 -5.08 -0.84
C ARG A 54 -10.68 -5.50 0.10
N PRO A 55 -9.41 -5.30 -0.30
CA PRO A 55 -8.28 -5.61 0.55
C PRO A 55 -8.42 -4.99 1.92
N PHE A 56 -8.76 -5.82 2.88
CA PHE A 56 -8.88 -5.37 4.25
C PHE A 56 -7.50 -4.94 4.76
N VAL A 57 -6.47 -5.34 4.01
CA VAL A 57 -5.11 -4.93 4.31
C VAL A 57 -5.01 -3.41 4.23
N CYS A 58 -5.91 -2.81 3.43
CA CYS A 58 -5.95 -1.37 3.32
C CYS A 58 -6.92 -0.79 4.35
N ALA A 59 -7.34 -1.63 5.27
CA ALA A 59 -8.13 -1.21 6.42
C ALA A 59 -7.89 -2.17 7.58
N PRO A 60 -6.68 -2.09 8.18
CA PRO A 60 -6.19 -3.10 9.14
C PRO A 60 -6.83 -3.00 10.52
N SER A 61 -8.07 -2.48 10.57
CA SER A 61 -8.80 -2.35 11.82
C SER A 61 -8.05 -1.47 12.81
N SER A 62 -7.33 -0.48 12.26
CA SER A 62 -6.57 0.47 13.07
C SER A 62 -7.50 1.25 13.99
N LYS A 63 -7.41 0.98 15.29
CA LYS A 63 -8.26 1.66 16.26
C LYS A 63 -7.42 2.37 17.33
N THR A 64 -6.71 1.59 18.13
CA THR A 64 -5.91 2.15 19.21
C THR A 64 -4.51 1.53 19.23
N GLY A 65 -3.50 2.37 19.23
CA GLY A 65 -2.14 1.89 19.28
C GLY A 65 -1.51 1.78 17.91
N SER A 66 -2.04 0.89 17.09
CA SER A 66 -1.55 0.71 15.75
C SER A 66 -2.15 1.78 14.83
N VAL A 67 -1.44 2.89 14.67
CA VAL A 67 -1.86 3.92 13.75
C VAL A 67 -1.34 3.60 12.36
N THR A 68 -2.01 2.66 11.71
CA THR A 68 -1.65 2.26 10.38
C THR A 68 -2.46 3.02 9.35
N THR A 69 -1.81 3.98 8.70
CA THR A 69 -2.45 4.76 7.67
C THR A 69 -2.21 4.10 6.31
N THR A 70 -3.20 3.39 5.84
CA THR A 70 -3.10 2.64 4.61
C THR A 70 -3.60 3.44 3.42
N TYR A 71 -2.83 3.41 2.34
CA TYR A 71 -3.20 4.12 1.12
C TYR A 71 -3.32 3.13 -0.03
N CYS A 72 -4.52 2.92 -0.54
CA CYS A 72 -4.71 2.14 -1.75
C CYS A 72 -5.33 3.00 -2.84
N CYS A 73 -4.67 3.03 -3.97
CA CYS A 73 -5.10 3.86 -5.09
C CYS A 73 -4.79 3.17 -6.41
N ASN A 74 -5.60 3.45 -7.41
CA ASN A 74 -5.44 2.78 -8.71
C ASN A 74 -4.66 3.65 -9.67
N GLN A 75 -4.00 4.67 -9.14
CA GLN A 75 -3.13 5.52 -9.93
C GLN A 75 -1.71 4.95 -9.90
N ASP A 76 -1.02 4.99 -11.03
CA ASP A 76 0.35 4.52 -11.09
C ASP A 76 1.28 5.46 -10.35
N HIS A 77 2.31 4.88 -9.71
CA HIS A 77 3.32 5.65 -8.97
C HIS A 77 2.69 6.47 -7.84
N CYS A 78 1.65 5.90 -7.25
CA CYS A 78 0.82 6.59 -6.28
C CYS A 78 1.16 6.19 -4.83
N ASN A 79 2.27 5.47 -4.66
CA ASN A 79 2.60 4.88 -3.35
C ASN A 79 3.27 5.86 -2.40
N LYS A 80 2.73 7.06 -2.31
CA LYS A 80 3.08 7.97 -1.23
C LYS A 80 2.09 9.13 -1.09
N ILE A 81 0.85 8.92 -1.50
CA ILE A 81 -0.20 9.89 -1.21
C ILE A 81 -0.79 9.54 0.14
N GLU A 82 -1.49 10.45 0.78
CA GLU A 82 -2.14 10.12 2.03
C GLU A 82 -3.64 10.34 1.95
N LEU A 83 -4.38 9.29 2.26
CA LEU A 83 -5.83 9.34 2.32
C LEU A 83 -6.27 9.98 3.63
N PRO A 84 -7.29 10.85 3.60
CA PRO A 84 -7.78 11.53 4.79
C PRO A 84 -8.44 10.57 5.78
N THR A 85 -7.67 10.14 6.76
CA THR A 85 -8.16 9.28 7.83
C THR A 85 -8.63 7.92 7.30
N THR A 86 -7.71 6.98 7.19
CA THR A 86 -8.03 5.61 6.85
C THR A 86 -7.56 4.68 7.96
N VAL A 87 -8.47 3.86 8.46
CA VAL A 87 -8.20 3.00 9.61
C VAL A 87 -9.08 1.75 9.58
N GLY A 1 -1.50 4.58 -18.09
CA GLY A 1 -0.73 3.88 -17.08
C GLY A 1 -1.34 4.03 -15.70
N SER A 2 -1.81 5.22 -15.39
CA SER A 2 -2.45 5.50 -14.12
C SER A 2 -3.90 4.98 -14.14
N ALA A 3 -4.02 3.66 -14.20
CA ALA A 3 -5.30 2.97 -14.35
C ALA A 3 -5.08 1.48 -14.58
N THR A 4 -4.57 1.13 -15.75
CA THR A 4 -4.36 -0.26 -16.12
C THR A 4 -2.92 -0.69 -15.86
N ALA A 5 -2.74 -1.21 -14.65
CA ALA A 5 -1.45 -1.75 -14.19
C ALA A 5 -0.55 -0.63 -13.72
N LEU A 6 -0.39 -0.55 -12.42
CA LEU A 6 0.29 0.57 -11.79
C LEU A 6 1.75 0.26 -11.53
N GLN A 7 2.57 1.28 -11.50
CA GLN A 7 3.96 1.12 -11.10
C GLN A 7 4.14 1.79 -9.75
N CYS A 8 4.22 0.99 -8.70
CA CYS A 8 4.18 1.53 -7.34
C CYS A 8 5.46 1.22 -6.58
N PHE A 9 6.02 2.25 -5.95
CA PHE A 9 7.26 2.15 -5.17
C PHE A 9 7.16 1.02 -4.14
N CYS A 10 8.20 0.19 -4.08
CA CYS A 10 8.22 -0.94 -3.15
C CYS A 10 9.57 -1.08 -2.44
N HIS A 11 9.51 -1.39 -1.13
CA HIS A 11 10.72 -1.43 -0.29
C HIS A 11 11.62 -2.62 -0.63
N LEU A 12 11.00 -3.71 -1.08
CA LEU A 12 11.73 -4.94 -1.34
C LEU A 12 12.30 -4.92 -2.75
N CYS A 13 11.96 -3.89 -3.50
CA CYS A 13 12.39 -3.74 -4.87
C CYS A 13 13.71 -3.03 -4.95
N THR A 14 13.71 -1.76 -4.50
CA THR A 14 14.87 -0.88 -4.50
C THR A 14 15.64 -0.85 -5.82
N LYS A 15 16.43 -1.85 -6.10
CA LYS A 15 17.19 -1.91 -7.34
C LYS A 15 16.31 -2.35 -8.50
N ASP A 16 15.09 -2.76 -8.19
CA ASP A 16 14.08 -3.01 -9.20
C ASP A 16 13.46 -1.69 -9.65
N ASN A 17 14.28 -0.70 -9.96
CA ASN A 17 13.77 0.64 -10.31
C ASN A 17 13.02 1.22 -9.11
N PHE A 18 13.23 0.63 -7.93
CA PHE A 18 12.54 0.98 -6.71
C PHE A 18 11.06 0.62 -6.80
N THR A 19 10.69 -0.20 -7.77
CA THR A 19 9.27 -0.46 -8.01
C THR A 19 9.01 -1.66 -8.91
N CYS A 20 7.77 -2.11 -8.90
CA CYS A 20 7.30 -3.13 -9.81
C CYS A 20 5.93 -2.73 -10.34
N VAL A 21 5.52 -3.34 -11.42
CA VAL A 21 4.20 -3.07 -11.94
C VAL A 21 3.17 -4.04 -11.35
N THR A 22 2.08 -3.48 -10.87
CA THR A 22 1.03 -4.23 -10.20
C THR A 22 -0.20 -4.38 -11.09
N ASP A 23 -0.95 -5.43 -10.83
CA ASP A 23 -2.16 -5.73 -11.55
C ASP A 23 -3.38 -5.23 -10.78
N GLY A 24 -3.14 -4.62 -9.62
CA GLY A 24 -4.23 -4.17 -8.79
C GLY A 24 -4.18 -2.68 -8.53
N LEU A 25 -3.28 -2.25 -7.66
CA LEU A 25 -3.18 -0.84 -7.25
C LEU A 25 -1.88 -0.61 -6.48
N CYS A 26 -1.70 0.58 -5.93
CA CYS A 26 -0.51 0.88 -5.14
C CYS A 26 -0.71 0.42 -3.70
N PHE A 27 0.39 0.35 -2.95
CA PHE A 27 0.34 -0.19 -1.59
C PHE A 27 1.42 0.38 -0.71
N VAL A 28 1.05 1.30 0.14
CA VAL A 28 1.89 1.64 1.26
C VAL A 28 1.09 1.68 2.56
N SER A 29 1.42 0.79 3.47
CA SER A 29 0.75 0.72 4.76
C SER A 29 1.65 1.29 5.85
N VAL A 30 1.26 2.44 6.37
CA VAL A 30 1.98 3.04 7.49
C VAL A 30 1.20 2.80 8.78
N THR A 31 1.61 1.79 9.52
CA THR A 31 0.95 1.44 10.77
C THR A 31 1.76 1.94 11.97
N GLU A 32 1.34 3.07 12.54
CA GLU A 32 2.07 3.65 13.67
C GLU A 32 1.41 3.29 14.98
N THR A 33 1.90 2.22 15.55
CA THR A 33 1.44 1.76 16.84
C THR A 33 2.38 2.25 17.93
N THR A 34 1.99 2.07 19.18
CA THR A 34 2.86 2.40 20.29
C THR A 34 4.01 1.40 20.36
N ASP A 35 3.92 0.37 19.53
CA ASP A 35 4.98 -0.59 19.36
C ASP A 35 6.10 0.09 18.62
N LYS A 36 5.81 0.45 17.38
CA LYS A 36 6.78 1.05 16.49
C LYS A 36 6.09 1.65 15.29
N VAL A 37 6.77 2.57 14.63
CA VAL A 37 6.27 3.12 13.40
C VAL A 37 6.54 2.16 12.26
N ILE A 38 5.51 1.44 11.85
CA ILE A 38 5.64 0.44 10.82
C ILE A 38 5.23 1.06 9.50
N HIS A 39 6.05 0.89 8.49
CA HIS A 39 5.77 1.52 7.21
C HIS A 39 6.51 0.80 6.09
N ASN A 40 5.77 0.29 5.12
CA ASN A 40 6.41 -0.37 4.00
C ASN A 40 5.68 -0.06 2.70
N SER A 41 6.09 -0.73 1.63
CA SER A 41 5.62 -0.43 0.28
C SER A 41 5.78 -1.64 -0.61
N MET A 42 4.71 -2.00 -1.29
CA MET A 42 4.74 -3.12 -2.19
C MET A 42 3.82 -2.83 -3.36
N CYS A 43 4.05 -3.49 -4.46
CA CYS A 43 3.13 -3.40 -5.59
C CYS A 43 2.01 -4.36 -5.36
N ILE A 44 0.97 -3.88 -4.71
CA ILE A 44 -0.12 -4.75 -4.40
C ILE A 44 -0.88 -5.07 -5.69
N ALA A 45 -0.73 -6.29 -6.16
CA ALA A 45 -1.45 -6.73 -7.33
C ALA A 45 -2.83 -7.17 -6.92
N GLU A 46 -3.69 -7.39 -7.89
CA GLU A 46 -5.04 -7.84 -7.60
C GLU A 46 -5.00 -9.14 -6.81
N ILE A 47 -4.04 -10.00 -7.14
CA ILE A 47 -3.86 -11.26 -6.45
C ILE A 47 -3.41 -11.03 -5.00
N ASP A 48 -2.80 -9.87 -4.76
CA ASP A 48 -2.32 -9.50 -3.44
C ASP A 48 -3.45 -8.90 -2.60
N LEU A 49 -4.42 -8.29 -3.28
CA LEU A 49 -5.62 -7.79 -2.61
C LEU A 49 -6.30 -8.88 -1.79
N ILE A 50 -6.16 -8.78 -0.48
CA ILE A 50 -6.77 -9.73 0.44
C ILE A 50 -7.44 -8.99 1.59
N PRO A 51 -8.77 -9.04 1.69
CA PRO A 51 -9.66 -9.63 0.67
C PRO A 51 -9.63 -8.86 -0.65
N ARG A 52 -10.15 -9.48 -1.69
CA ARG A 52 -10.12 -8.89 -3.03
C ARG A 52 -11.13 -7.74 -3.14
N ASP A 53 -12.11 -7.73 -2.25
CA ASP A 53 -13.10 -6.66 -2.21
C ASP A 53 -12.47 -5.39 -1.66
N ARG A 54 -11.60 -5.58 -0.68
CA ARG A 54 -10.95 -4.49 0.02
C ARG A 54 -9.80 -5.03 0.84
N PRO A 55 -8.57 -4.99 0.30
CA PRO A 55 -7.40 -5.53 0.99
C PRO A 55 -7.24 -4.92 2.37
N PHE A 56 -7.22 -5.76 3.40
CA PHE A 56 -7.02 -5.30 4.76
C PHE A 56 -5.61 -4.74 4.96
N VAL A 57 -4.73 -5.03 4.00
CA VAL A 57 -3.42 -4.41 3.95
C VAL A 57 -3.56 -2.95 3.53
N CYS A 58 -4.81 -2.58 3.34
CA CYS A 58 -5.17 -1.25 2.98
C CYS A 58 -6.39 -0.79 3.80
N ALA A 59 -7.13 -1.76 4.35
CA ALA A 59 -8.17 -1.46 5.32
C ALA A 59 -8.11 -2.44 6.48
N PRO A 60 -7.20 -2.23 7.44
CA PRO A 60 -7.01 -3.13 8.57
C PRO A 60 -7.96 -2.82 9.72
N SER A 61 -7.67 -3.38 10.88
CA SER A 61 -8.47 -3.10 12.06
C SER A 61 -8.10 -1.74 12.64
N SER A 62 -8.64 -0.69 12.03
CA SER A 62 -8.38 0.67 12.48
C SER A 62 -9.37 1.07 13.56
N LYS A 63 -9.09 0.65 14.78
CA LYS A 63 -9.93 0.96 15.91
C LYS A 63 -9.11 1.69 16.98
N THR A 64 -8.09 1.01 17.47
CA THR A 64 -7.19 1.57 18.46
C THR A 64 -5.85 0.86 18.41
N GLY A 65 -4.77 1.61 18.64
CA GLY A 65 -3.45 1.03 18.58
C GLY A 65 -3.11 0.53 17.20
N SER A 66 -3.19 1.41 16.22
CA SER A 66 -2.97 1.03 14.84
C SER A 66 -2.55 2.24 14.00
N VAL A 67 -3.51 3.14 13.74
CA VAL A 67 -3.28 4.33 12.91
C VAL A 67 -2.56 3.93 11.64
N THR A 68 -3.25 3.20 10.80
CA THR A 68 -2.67 2.69 9.59
C THR A 68 -3.11 3.54 8.41
N THR A 69 -2.24 4.44 7.98
CA THR A 69 -2.54 5.30 6.86
C THR A 69 -2.08 4.61 5.59
N THR A 70 -3.01 3.93 4.94
CA THR A 70 -2.73 3.10 3.82
C THR A 70 -2.93 3.83 2.50
N TYR A 71 -1.89 3.89 1.71
CA TYR A 71 -1.94 4.58 0.43
C TYR A 71 -2.03 3.55 -0.68
N CYS A 72 -3.25 3.24 -1.08
CA CYS A 72 -3.50 2.22 -2.10
C CYS A 72 -4.51 2.77 -3.11
N CYS A 73 -4.12 2.86 -4.38
CA CYS A 73 -5.03 3.37 -5.40
C CYS A 73 -4.58 2.98 -6.82
N ASN A 74 -5.55 2.93 -7.73
CA ASN A 74 -5.31 2.65 -9.16
C ASN A 74 -4.65 3.83 -9.89
N GLN A 75 -3.98 4.68 -9.13
CA GLN A 75 -3.22 5.79 -9.70
C GLN A 75 -1.74 5.42 -9.75
N ASP A 76 -1.10 5.74 -10.85
CA ASP A 76 0.31 5.40 -11.04
C ASP A 76 1.20 6.12 -10.03
N HIS A 77 1.93 5.35 -9.23
CA HIS A 77 2.84 5.90 -8.22
C HIS A 77 2.10 6.68 -7.15
N CYS A 78 0.84 6.35 -6.92
CA CYS A 78 0.01 7.12 -5.99
C CYS A 78 0.21 6.67 -4.55
N ASN A 79 1.25 5.89 -4.30
CA ASN A 79 1.54 5.49 -2.93
C ASN A 79 2.38 6.59 -2.27
N LYS A 80 3.67 6.32 -1.98
CA LYS A 80 4.64 7.34 -1.53
C LYS A 80 4.04 8.32 -0.50
N ILE A 81 3.17 7.80 0.37
CA ILE A 81 2.44 8.62 1.34
C ILE A 81 1.50 9.58 0.60
N GLU A 82 0.38 9.02 0.15
CA GLU A 82 -0.64 9.76 -0.58
C GLU A 82 -1.90 8.89 -0.70
N LEU A 83 -2.85 9.08 0.21
CA LEU A 83 -4.05 8.25 0.20
C LEU A 83 -5.28 9.08 -0.14
N PRO A 84 -6.15 8.53 -1.01
CA PRO A 84 -7.39 9.20 -1.44
C PRO A 84 -8.49 9.12 -0.40
N THR A 85 -8.13 9.40 0.85
CA THR A 85 -9.06 9.34 1.98
C THR A 85 -9.61 7.93 2.18
N THR A 86 -8.87 7.13 2.93
CA THR A 86 -9.28 5.77 3.27
C THR A 86 -8.34 5.20 4.34
N VAL A 87 -8.91 4.46 5.28
CA VAL A 87 -8.13 3.92 6.39
C VAL A 87 -8.76 2.61 6.85
N GLY A 1 -0.82 4.91 -17.29
CA GLY A 1 -1.76 3.83 -17.52
C GLY A 1 -2.95 3.90 -16.60
N SER A 2 -2.68 3.98 -15.29
CA SER A 2 -3.69 3.98 -14.23
C SER A 2 -4.65 2.80 -14.34
N ALA A 3 -4.65 1.95 -13.31
CA ALA A 3 -5.40 0.69 -13.29
C ALA A 3 -4.76 -0.34 -14.22
N THR A 4 -4.43 0.09 -15.43
CA THR A 4 -3.72 -0.75 -16.38
C THR A 4 -2.22 -0.72 -16.08
N ALA A 5 -1.77 -1.70 -15.29
CA ALA A 5 -0.37 -1.83 -14.90
C ALA A 5 0.10 -0.64 -14.07
N LEU A 6 0.11 -0.80 -12.77
CA LEU A 6 0.52 0.26 -11.86
C LEU A 6 1.96 0.08 -11.44
N GLN A 7 2.77 1.10 -11.66
CA GLN A 7 4.12 1.11 -11.15
C GLN A 7 4.19 2.08 -9.98
N CYS A 8 4.02 1.55 -8.80
CA CYS A 8 3.96 2.37 -7.62
C CYS A 8 5.07 2.03 -6.66
N PHE A 9 5.52 3.04 -5.92
CA PHE A 9 6.71 2.95 -5.09
C PHE A 9 6.66 1.74 -4.18
N CYS A 10 7.79 1.08 -4.01
CA CYS A 10 7.84 -0.14 -3.23
C CYS A 10 9.10 -0.15 -2.38
N HIS A 11 8.91 -0.05 -1.07
CA HIS A 11 10.00 0.17 -0.15
C HIS A 11 10.81 -1.10 0.09
N LEU A 12 10.22 -2.26 -0.17
CA LEU A 12 10.89 -3.53 0.09
C LEU A 12 11.37 -4.19 -1.20
N CYS A 13 10.90 -3.70 -2.34
CA CYS A 13 11.36 -4.20 -3.62
C CYS A 13 12.81 -3.78 -3.83
N THR A 14 13.13 -2.58 -3.31
CA THR A 14 14.50 -2.08 -3.25
C THR A 14 15.19 -2.05 -4.62
N LYS A 15 15.82 -3.15 -5.01
CA LYS A 15 16.55 -3.20 -6.28
C LYS A 15 15.60 -3.46 -7.45
N ASP A 16 14.33 -3.65 -7.15
CA ASP A 16 13.32 -3.64 -8.19
C ASP A 16 13.06 -2.21 -8.61
N ASN A 17 14.01 -1.64 -9.37
CA ASN A 17 14.00 -0.24 -9.82
C ASN A 17 13.33 0.71 -8.81
N PHE A 18 13.56 0.44 -7.51
CA PHE A 18 13.01 1.22 -6.40
C PHE A 18 11.48 1.35 -6.46
N THR A 19 10.82 0.37 -7.05
CA THR A 19 9.38 0.36 -7.16
C THR A 19 8.92 -1.03 -7.63
N CYS A 20 7.68 -1.15 -8.07
CA CYS A 20 7.17 -2.43 -8.53
C CYS A 20 5.93 -2.24 -9.39
N VAL A 21 5.79 -3.08 -10.40
CA VAL A 21 4.64 -3.03 -11.29
C VAL A 21 3.60 -4.10 -10.90
N THR A 22 2.45 -3.62 -10.47
CA THR A 22 1.37 -4.50 -10.02
C THR A 22 0.24 -4.55 -11.04
N ASP A 23 -0.58 -5.59 -10.92
CA ASP A 23 -1.78 -5.74 -11.75
C ASP A 23 -3.02 -5.28 -10.99
N GLY A 24 -2.89 -5.09 -9.68
CA GLY A 24 -4.05 -4.74 -8.88
C GLY A 24 -4.15 -3.26 -8.63
N LEU A 25 -3.32 -2.77 -7.72
CA LEU A 25 -3.29 -1.35 -7.39
C LEU A 25 -2.07 -1.02 -6.54
N CYS A 26 -2.00 0.23 -6.11
CA CYS A 26 -0.89 0.70 -5.31
C CYS A 26 -1.27 0.62 -3.83
N PHE A 27 -0.27 0.38 -2.97
CA PHE A 27 -0.52 0.17 -1.56
C PHE A 27 0.69 0.54 -0.71
N VAL A 28 0.56 1.57 0.10
CA VAL A 28 1.55 1.88 1.10
C VAL A 28 1.03 1.46 2.46
N SER A 29 1.88 0.88 3.28
CA SER A 29 1.52 0.59 4.66
C SER A 29 2.44 1.34 5.59
N VAL A 30 1.93 2.40 6.19
CA VAL A 30 2.68 3.13 7.18
C VAL A 30 2.13 2.80 8.56
N THR A 31 2.87 1.99 9.29
CA THR A 31 2.44 1.52 10.59
C THR A 31 3.22 2.26 11.66
N GLU A 32 2.63 3.31 12.21
CA GLU A 32 3.30 4.13 13.20
C GLU A 32 2.92 3.71 14.59
N THR A 33 3.76 2.90 15.19
CA THR A 33 3.52 2.44 16.53
C THR A 33 4.44 3.16 17.49
N THR A 34 4.47 2.73 18.73
CA THR A 34 5.37 3.31 19.70
C THR A 34 6.76 2.70 19.53
N ASP A 35 6.84 1.71 18.65
CA ASP A 35 8.09 1.10 18.25
C ASP A 35 8.84 2.06 17.34
N LYS A 36 8.20 2.38 16.22
CA LYS A 36 8.76 3.27 15.23
C LYS A 36 7.73 3.55 14.15
N VAL A 37 8.08 4.40 13.20
CA VAL A 37 7.24 4.65 12.05
C VAL A 37 7.61 3.67 10.94
N ILE A 38 6.76 2.70 10.69
CA ILE A 38 7.07 1.63 9.76
C ILE A 38 6.41 1.91 8.42
N HIS A 39 7.15 2.54 7.53
CA HIS A 39 6.61 2.90 6.23
C HIS A 39 7.14 1.97 5.14
N ASN A 40 6.27 1.12 4.61
CA ASN A 40 6.66 0.20 3.55
C ASN A 40 5.55 0.11 2.51
N SER A 41 5.88 0.59 1.33
CA SER A 41 4.97 0.56 0.20
C SER A 41 5.16 -0.72 -0.61
N MET A 42 4.06 -1.34 -1.01
CA MET A 42 4.13 -2.53 -1.82
C MET A 42 3.31 -2.32 -3.07
N CYS A 43 3.69 -3.01 -4.12
CA CYS A 43 2.87 -3.08 -5.31
C CYS A 43 1.82 -4.14 -5.07
N ILE A 44 0.65 -3.72 -4.62
CA ILE A 44 -0.32 -4.70 -4.21
C ILE A 44 -0.98 -5.27 -5.47
N ALA A 45 -0.66 -6.51 -5.76
CA ALA A 45 -1.15 -7.16 -6.94
C ALA A 45 -2.63 -7.48 -6.82
N GLU A 46 -3.23 -7.81 -7.94
CA GLU A 46 -4.65 -8.15 -7.96
C GLU A 46 -4.89 -9.35 -7.07
N ILE A 47 -3.97 -10.30 -7.14
CA ILE A 47 -4.02 -11.49 -6.30
C ILE A 47 -3.84 -11.14 -4.83
N ASP A 48 -3.34 -9.95 -4.57
CA ASP A 48 -3.06 -9.50 -3.20
C ASP A 48 -4.27 -8.78 -2.61
N LEU A 49 -5.29 -8.55 -3.43
CA LEU A 49 -6.53 -7.98 -2.93
C LEU A 49 -7.30 -9.05 -2.18
N ILE A 50 -7.17 -9.06 -0.85
CA ILE A 50 -7.73 -10.12 -0.04
C ILE A 50 -8.61 -9.54 1.06
N PRO A 51 -9.95 -9.57 0.91
CA PRO A 51 -10.65 -10.07 -0.27
C PRO A 51 -10.61 -9.09 -1.43
N ARG A 52 -11.02 -9.55 -2.61
CA ARG A 52 -10.86 -8.78 -3.84
C ARG A 52 -11.59 -7.43 -3.80
N ASP A 53 -12.61 -7.31 -2.96
CA ASP A 53 -13.38 -6.08 -2.88
C ASP A 53 -12.62 -5.03 -2.09
N ARG A 54 -11.86 -5.50 -1.13
CA ARG A 54 -11.17 -4.63 -0.19
C ARG A 54 -10.03 -5.39 0.48
N PRO A 55 -8.82 -5.31 -0.10
CA PRO A 55 -7.64 -5.94 0.50
C PRO A 55 -7.49 -5.57 1.96
N PHE A 56 -7.38 -6.58 2.79
CA PHE A 56 -7.23 -6.38 4.21
C PHE A 56 -5.92 -5.69 4.56
N VAL A 57 -4.99 -5.63 3.59
CA VAL A 57 -3.76 -4.91 3.77
C VAL A 57 -4.07 -3.46 4.00
N CYS A 58 -5.19 -3.01 3.45
CA CYS A 58 -5.65 -1.66 3.62
C CYS A 58 -6.71 -1.56 4.72
N ALA A 59 -7.08 -2.69 5.31
CA ALA A 59 -8.08 -2.69 6.37
C ALA A 59 -7.78 -3.69 7.47
N PRO A 60 -6.85 -3.35 8.37
CA PRO A 60 -6.59 -4.12 9.59
C PRO A 60 -7.52 -3.69 10.72
N SER A 61 -7.43 -4.35 11.86
CA SER A 61 -8.23 -3.96 13.01
C SER A 61 -7.64 -2.72 13.68
N SER A 62 -7.94 -1.57 13.11
CA SER A 62 -7.38 -0.33 13.57
C SER A 62 -8.34 0.40 14.51
N LYS A 63 -8.12 0.24 15.80
CA LYS A 63 -8.93 0.93 16.81
C LYS A 63 -8.03 1.82 17.67
N THR A 64 -6.84 1.32 17.98
CA THR A 64 -5.84 2.08 18.72
C THR A 64 -4.43 1.59 18.40
N GLY A 65 -4.30 0.29 18.22
CA GLY A 65 -3.00 -0.29 17.95
C GLY A 65 -2.63 -0.18 16.49
N SER A 66 -1.36 -0.43 16.18
CA SER A 66 -0.84 -0.43 14.81
C SER A 66 -0.69 0.99 14.24
N VAL A 67 -1.75 1.80 14.37
CA VAL A 67 -1.85 3.08 13.69
C VAL A 67 -1.29 2.97 12.28
N THR A 68 -1.94 2.15 11.48
CA THR A 68 -1.53 1.92 10.13
C THR A 68 -2.27 2.88 9.22
N THR A 69 -1.64 3.26 8.13
CA THR A 69 -2.21 4.22 7.22
C THR A 69 -1.93 3.74 5.80
N THR A 70 -2.91 3.07 5.25
CA THR A 70 -2.75 2.37 3.99
C THR A 70 -3.21 3.22 2.82
N TYR A 71 -2.32 3.38 1.85
CA TYR A 71 -2.62 4.21 0.70
C TYR A 71 -2.83 3.34 -0.52
N CYS A 72 -4.09 3.01 -0.77
CA CYS A 72 -4.46 2.16 -1.87
C CYS A 72 -5.10 2.99 -2.97
N CYS A 73 -4.49 2.97 -4.15
CA CYS A 73 -4.97 3.77 -5.27
C CYS A 73 -4.57 3.12 -6.58
N ASN A 74 -5.20 3.53 -7.68
CA ASN A 74 -4.91 2.97 -8.98
C ASN A 74 -4.27 3.98 -9.91
N GLN A 75 -3.65 5.01 -9.34
CA GLN A 75 -2.96 6.01 -10.15
C GLN A 75 -1.50 5.62 -10.34
N ASP A 76 -0.91 6.07 -11.44
CA ASP A 76 0.49 5.80 -11.74
C ASP A 76 1.39 6.47 -10.70
N HIS A 77 2.09 5.66 -9.91
CA HIS A 77 3.06 6.16 -8.93
C HIS A 77 2.35 6.94 -7.81
N CYS A 78 1.14 6.51 -7.46
CA CYS A 78 0.34 7.24 -6.47
C CYS A 78 0.66 6.81 -5.04
N ASN A 79 1.70 5.99 -4.86
CA ASN A 79 2.07 5.54 -3.52
C ASN A 79 2.89 6.60 -2.81
N LYS A 80 2.55 7.85 -3.04
CA LYS A 80 3.15 8.97 -2.33
C LYS A 80 2.59 9.01 -0.91
N ILE A 81 1.39 9.56 -0.74
CA ILE A 81 0.82 9.71 0.60
C ILE A 81 -0.70 9.90 0.57
N GLU A 82 -1.35 9.50 -0.52
CA GLU A 82 -2.77 9.77 -0.69
C GLU A 82 -3.64 8.64 -0.12
N LEU A 83 -4.65 9.03 0.65
CA LEU A 83 -5.56 8.07 1.28
C LEU A 83 -6.79 7.83 0.41
N PRO A 84 -7.29 6.59 0.39
CA PRO A 84 -8.57 6.25 -0.23
C PRO A 84 -9.72 6.37 0.77
N THR A 85 -9.49 7.16 1.82
CA THR A 85 -10.43 7.31 2.91
C THR A 85 -10.60 5.98 3.65
N THR A 86 -9.47 5.46 4.12
CA THR A 86 -9.44 4.20 4.85
C THR A 86 -8.19 4.19 5.73
N VAL A 87 -8.29 3.62 6.92
CA VAL A 87 -7.17 3.56 7.85
C VAL A 87 -6.17 2.50 7.42
N GLY A 1 0.93 2.77 -16.40
CA GLY A 1 -0.22 2.39 -17.19
C GLY A 1 -1.53 2.71 -16.51
N SER A 2 -1.51 2.65 -15.18
CA SER A 2 -2.69 2.94 -14.36
C SER A 2 -3.77 1.88 -14.53
N ALA A 3 -4.80 1.96 -13.67
CA ALA A 3 -5.96 1.07 -13.75
C ALA A 3 -5.61 -0.38 -13.41
N THR A 4 -5.06 -1.10 -14.38
CA THR A 4 -4.76 -2.51 -14.22
C THR A 4 -3.28 -2.72 -13.90
N ALA A 5 -2.42 -2.00 -14.61
CA ALA A 5 -0.99 -2.12 -14.39
C ALA A 5 -0.47 -0.91 -13.64
N LEU A 6 -0.23 -1.09 -12.35
CA LEU A 6 0.27 -0.01 -11.51
C LEU A 6 1.74 -0.24 -11.19
N GLN A 7 2.56 0.78 -11.33
CA GLN A 7 3.94 0.68 -10.92
C GLN A 7 4.17 1.63 -9.74
N CYS A 8 4.12 1.07 -8.54
CA CYS A 8 4.14 1.87 -7.33
C CYS A 8 5.46 1.70 -6.59
N PHE A 9 6.00 2.78 -6.04
CA PHE A 9 7.30 2.74 -5.34
C PHE A 9 7.30 1.62 -4.31
N CYS A 10 8.37 0.87 -4.29
CA CYS A 10 8.44 -0.34 -3.49
C CYS A 10 9.67 -0.36 -2.59
N HIS A 11 9.45 -0.64 -1.31
CA HIS A 11 10.51 -0.52 -0.30
C HIS A 11 11.53 -1.65 -0.39
N LEU A 12 11.06 -2.89 -0.48
CA LEU A 12 11.95 -4.05 -0.50
C LEU A 12 12.60 -4.23 -1.86
N CYS A 13 12.06 -3.55 -2.86
CA CYS A 13 12.55 -3.69 -4.22
C CYS A 13 13.85 -2.96 -4.42
N THR A 14 13.88 -1.70 -4.01
CA THR A 14 15.05 -0.83 -4.14
C THR A 14 15.65 -0.83 -5.55
N LYS A 15 16.52 -1.80 -5.82
CA LYS A 15 17.20 -1.90 -7.11
C LYS A 15 16.27 -2.41 -8.20
N ASP A 16 15.01 -2.66 -7.84
CA ASP A 16 13.96 -2.93 -8.82
C ASP A 16 13.52 -1.62 -9.47
N ASN A 17 14.49 -0.86 -9.98
CA ASN A 17 14.28 0.48 -10.52
C ASN A 17 13.37 1.33 -9.61
N PHE A 18 13.52 1.11 -8.29
CA PHE A 18 12.85 1.90 -7.25
C PHE A 18 11.34 1.66 -7.19
N THR A 19 10.88 0.52 -7.70
CA THR A 19 9.44 0.27 -7.74
C THR A 19 9.13 -1.14 -8.26
N CYS A 20 7.86 -1.43 -8.45
CA CYS A 20 7.45 -2.71 -9.02
C CYS A 20 6.04 -2.60 -9.58
N VAL A 21 5.76 -3.47 -10.54
CA VAL A 21 4.48 -3.47 -11.22
C VAL A 21 3.50 -4.44 -10.56
N THR A 22 2.24 -4.00 -10.47
CA THR A 22 1.20 -4.78 -9.83
C THR A 22 -0.07 -4.78 -10.68
N ASP A 23 -0.91 -5.77 -10.46
CA ASP A 23 -2.21 -5.87 -11.13
C ASP A 23 -3.34 -5.49 -10.19
N GLY A 24 -3.01 -4.97 -9.01
CA GLY A 24 -4.03 -4.64 -8.05
C GLY A 24 -4.16 -3.14 -7.87
N LEU A 25 -3.30 -2.58 -7.02
CA LEU A 25 -3.26 -1.15 -6.80
C LEU A 25 -1.98 -0.76 -6.07
N CYS A 26 -1.83 0.52 -5.79
CA CYS A 26 -0.69 1.00 -5.03
C CYS A 26 -1.01 0.90 -3.56
N PHE A 27 -0.08 0.35 -2.79
CA PHE A 27 -0.29 0.11 -1.37
C PHE A 27 0.93 0.47 -0.56
N VAL A 28 0.80 1.50 0.24
CA VAL A 28 1.84 1.86 1.18
C VAL A 28 1.33 1.59 2.59
N SER A 29 2.16 0.99 3.43
CA SER A 29 1.74 0.68 4.78
C SER A 29 2.55 1.49 5.77
N VAL A 30 1.91 2.47 6.38
CA VAL A 30 2.53 3.25 7.43
C VAL A 30 1.97 2.80 8.78
N THR A 31 2.72 1.95 9.46
CA THR A 31 2.28 1.38 10.72
C THR A 31 3.06 2.01 11.87
N GLU A 32 2.51 3.05 12.45
CA GLU A 32 3.18 3.73 13.54
C GLU A 32 2.63 3.26 14.86
N THR A 33 3.36 2.36 15.47
CA THR A 33 2.97 1.81 16.74
C THR A 33 3.62 2.59 17.87
N THR A 34 3.38 2.17 19.10
CA THR A 34 4.11 2.73 20.21
C THR A 34 5.55 2.21 20.18
N ASP A 35 5.72 1.17 19.38
CA ASP A 35 7.00 0.51 19.22
C ASP A 35 7.91 1.34 18.33
N LYS A 36 7.48 1.51 17.10
CA LYS A 36 8.32 2.12 16.08
C LYS A 36 7.49 2.98 15.15
N VAL A 37 7.98 3.11 13.93
CA VAL A 37 7.33 3.86 12.88
C VAL A 37 7.61 3.11 11.59
N ILE A 38 6.70 2.23 11.24
CA ILE A 38 6.97 1.22 10.23
C ILE A 38 6.30 1.59 8.92
N HIS A 39 7.04 2.24 8.04
CA HIS A 39 6.46 2.74 6.80
C HIS A 39 7.15 2.11 5.60
N ASN A 40 6.39 1.39 4.81
CA ASN A 40 6.91 0.71 3.63
C ASN A 40 5.82 0.49 2.61
N SER A 41 6.15 0.72 1.36
CA SER A 41 5.21 0.56 0.26
C SER A 41 5.55 -0.66 -0.57
N MET A 42 4.53 -1.42 -0.93
CA MET A 42 4.72 -2.55 -1.80
C MET A 42 3.70 -2.46 -2.93
N CYS A 43 4.01 -3.11 -4.02
CA CYS A 43 3.06 -3.22 -5.11
C CYS A 43 2.08 -4.34 -4.80
N ILE A 44 0.90 -3.95 -4.37
CA ILE A 44 -0.08 -4.92 -3.93
C ILE A 44 -0.87 -5.39 -5.14
N ALA A 45 -0.69 -6.65 -5.49
CA ALA A 45 -1.28 -7.19 -6.71
C ALA A 45 -2.71 -7.61 -6.47
N GLU A 46 -3.40 -7.95 -7.55
CA GLU A 46 -4.80 -8.34 -7.48
C GLU A 46 -4.96 -9.59 -6.64
N ILE A 47 -4.02 -10.52 -6.79
CA ILE A 47 -4.00 -11.74 -5.99
C ILE A 47 -3.75 -11.40 -4.53
N ASP A 48 -3.07 -10.28 -4.31
CA ASP A 48 -2.77 -9.80 -2.98
C ASP A 48 -3.92 -8.98 -2.41
N LEU A 49 -4.90 -8.65 -3.24
CA LEU A 49 -6.09 -7.93 -2.79
C LEU A 49 -6.99 -8.91 -2.05
N ILE A 50 -7.10 -8.75 -0.74
CA ILE A 50 -7.82 -9.72 0.09
C ILE A 50 -8.87 -9.02 0.95
N PRO A 51 -10.17 -9.15 0.62
CA PRO A 51 -10.67 -9.77 -0.61
C PRO A 51 -10.41 -8.89 -1.84
N ARG A 52 -10.64 -9.45 -3.02
CA ARG A 52 -10.32 -8.77 -4.27
C ARG A 52 -11.17 -7.51 -4.46
N ASP A 53 -12.36 -7.51 -3.86
CA ASP A 53 -13.27 -6.39 -3.97
C ASP A 53 -12.87 -5.26 -3.03
N ARG A 54 -12.31 -5.65 -1.90
CA ARG A 54 -11.97 -4.70 -0.86
C ARG A 54 -10.83 -5.21 0.00
N PRO A 55 -9.58 -5.06 -0.45
CA PRO A 55 -8.42 -5.51 0.30
C PRO A 55 -8.37 -4.93 1.70
N PHE A 56 -8.24 -5.80 2.69
CA PHE A 56 -8.14 -5.37 4.08
C PHE A 56 -6.90 -4.53 4.33
N VAL A 57 -5.95 -4.56 3.40
CA VAL A 57 -4.79 -3.72 3.51
C VAL A 57 -5.19 -2.30 3.20
N CYS A 58 -6.31 -2.16 2.55
CA CYS A 58 -6.79 -0.85 2.20
C CYS A 58 -7.65 -0.32 3.33
N ALA A 59 -7.66 -1.08 4.41
CA ALA A 59 -8.24 -0.67 5.67
C ALA A 59 -7.18 -0.04 6.56
N PRO A 60 -6.99 1.29 6.43
CA PRO A 60 -5.93 2.06 7.08
C PRO A 60 -6.33 2.71 8.41
N SER A 61 -5.44 3.59 8.88
CA SER A 61 -5.61 4.33 10.14
C SER A 61 -5.85 3.41 11.35
N SER A 62 -6.98 3.59 12.03
CA SER A 62 -7.25 2.90 13.28
C SER A 62 -6.18 3.22 14.32
N LYS A 63 -6.32 4.37 14.96
CA LYS A 63 -5.34 4.84 15.94
C LYS A 63 -5.35 3.93 17.17
N THR A 64 -6.44 3.20 17.35
CA THR A 64 -6.54 2.27 18.47
C THR A 64 -5.84 0.95 18.16
N GLY A 65 -4.51 0.96 18.27
CA GLY A 65 -3.74 -0.25 18.04
C GLY A 65 -3.26 -0.37 16.60
N SER A 66 -1.94 -0.56 16.45
CA SER A 66 -1.30 -0.77 15.15
C SER A 66 -1.16 0.54 14.35
N VAL A 67 -2.24 1.33 14.35
CA VAL A 67 -2.33 2.55 13.55
C VAL A 67 -1.68 2.35 12.18
N THR A 68 -2.25 1.48 11.39
CA THR A 68 -1.69 1.17 10.10
C THR A 68 -2.37 2.00 9.03
N THR A 69 -1.72 3.08 8.64
CA THR A 69 -2.29 4.01 7.69
C THR A 69 -1.82 3.64 6.28
N THR A 70 -2.67 2.98 5.53
CA THR A 70 -2.28 2.52 4.22
C THR A 70 -2.68 3.49 3.13
N TYR A 71 -1.86 3.54 2.11
CA TYR A 71 -2.14 4.35 0.94
C TYR A 71 -2.51 3.44 -0.23
N CYS A 72 -3.80 3.26 -0.49
CA CYS A 72 -4.23 2.40 -1.58
C CYS A 72 -4.98 3.19 -2.65
N CYS A 73 -4.51 3.07 -3.89
CA CYS A 73 -5.15 3.72 -5.02
C CYS A 73 -4.76 3.05 -6.33
N ASN A 74 -5.55 3.27 -7.37
CA ASN A 74 -5.34 2.60 -8.66
C ASN A 74 -4.71 3.53 -9.68
N GLN A 75 -4.09 4.59 -9.18
CA GLN A 75 -3.30 5.49 -10.01
C GLN A 75 -1.87 4.97 -10.09
N ASP A 76 -1.26 5.05 -11.28
CA ASP A 76 0.13 4.62 -11.43
C ASP A 76 1.06 5.50 -10.61
N HIS A 77 1.97 4.87 -9.85
CA HIS A 77 2.92 5.58 -9.00
C HIS A 77 2.21 6.33 -7.87
N CYS A 78 0.98 5.91 -7.58
CA CYS A 78 0.20 6.52 -6.51
C CYS A 78 0.60 5.93 -5.16
N ASN A 79 1.86 6.11 -4.80
CA ASN A 79 2.37 5.58 -3.54
C ASN A 79 2.58 6.71 -2.56
N LYS A 80 1.85 7.79 -2.75
CA LYS A 80 1.97 8.95 -1.86
C LYS A 80 0.65 9.71 -1.78
N ILE A 81 -0.15 9.34 -0.79
CA ILE A 81 -1.39 10.01 -0.47
C ILE A 81 -1.64 9.81 1.01
N GLU A 82 -2.79 10.22 1.50
CA GLU A 82 -3.21 9.83 2.84
C GLU A 82 -4.73 9.78 2.95
N LEU A 83 -5.26 8.57 3.04
CA LEU A 83 -6.69 8.36 3.21
C LEU A 83 -6.97 7.75 4.58
N PRO A 84 -7.37 8.58 5.55
CA PRO A 84 -7.71 8.12 6.90
C PRO A 84 -9.10 7.51 6.94
N THR A 85 -9.15 6.19 7.04
CA THR A 85 -10.42 5.49 7.03
C THR A 85 -10.59 4.61 8.28
N THR A 86 -10.18 3.34 8.21
CA THR A 86 -10.49 2.35 9.25
C THR A 86 -9.92 0.98 8.87
N VAL A 87 -9.14 0.40 9.77
CA VAL A 87 -8.60 -0.94 9.56
C VAL A 87 -9.71 -1.97 9.82
N GLY A 1 -9.00 1.68 -11.89
CA GLY A 1 -8.63 0.36 -11.39
C GLY A 1 -7.12 0.16 -11.40
N SER A 2 -6.52 0.41 -12.54
CA SER A 2 -5.09 0.25 -12.74
C SER A 2 -4.73 0.60 -14.17
N ALA A 3 -3.79 1.52 -14.34
CA ALA A 3 -3.23 1.78 -15.65
C ALA A 3 -2.55 0.51 -16.16
N THR A 4 -2.17 0.51 -17.43
CA THR A 4 -1.48 -0.63 -17.99
C THR A 4 -0.17 -0.87 -17.24
N ALA A 5 -0.22 -1.85 -16.34
CA ALA A 5 0.88 -2.14 -15.43
C ALA A 5 1.02 -1.03 -14.40
N LEU A 6 0.21 -1.10 -13.34
CA LEU A 6 0.30 -0.13 -12.25
C LEU A 6 1.66 -0.27 -11.60
N GLN A 7 2.19 0.82 -11.09
CA GLN A 7 3.54 0.82 -10.54
C GLN A 7 3.61 1.70 -9.31
N CYS A 8 4.01 1.11 -8.18
CA CYS A 8 3.97 1.82 -6.90
C CYS A 8 5.19 1.50 -6.05
N PHE A 9 5.45 2.37 -5.06
CA PHE A 9 6.58 2.20 -4.14
C PHE A 9 6.55 0.79 -3.58
N CYS A 10 7.68 0.10 -3.62
CA CYS A 10 7.71 -1.29 -3.22
C CYS A 10 8.71 -1.54 -2.08
N HIS A 11 8.58 -2.68 -1.43
CA HIS A 11 9.50 -3.06 -0.35
C HIS A 11 10.70 -3.80 -0.91
N LEU A 12 10.55 -4.34 -2.12
CA LEU A 12 11.64 -5.06 -2.77
C LEU A 12 12.56 -4.05 -3.46
N CYS A 13 12.07 -2.82 -3.54
CA CYS A 13 12.68 -1.76 -4.35
C CYS A 13 14.17 -1.60 -4.12
N THR A 14 14.94 -2.13 -5.04
CA THR A 14 16.34 -1.81 -5.08
C THR A 14 16.79 -1.57 -6.52
N LYS A 15 16.96 -2.64 -7.30
CA LYS A 15 17.32 -2.53 -8.70
C LYS A 15 16.17 -3.00 -9.57
N ASP A 16 15.08 -3.36 -8.90
CA ASP A 16 13.82 -3.70 -9.55
C ASP A 16 13.48 -2.62 -10.58
N ASN A 17 13.35 -1.41 -10.07
CA ASN A 17 13.16 -0.21 -10.87
C ASN A 17 13.00 0.96 -9.91
N PHE A 18 13.59 0.81 -8.71
CA PHE A 18 13.24 1.63 -7.56
C PHE A 18 11.74 1.53 -7.26
N THR A 19 11.12 0.46 -7.79
CA THR A 19 9.71 0.19 -7.59
C THR A 19 9.36 -1.16 -8.21
N CYS A 20 8.10 -1.53 -8.13
CA CYS A 20 7.63 -2.82 -8.57
C CYS A 20 6.28 -2.66 -9.24
N VAL A 21 6.10 -3.38 -10.32
CA VAL A 21 4.88 -3.30 -11.11
C VAL A 21 3.81 -4.29 -10.61
N THR A 22 2.55 -3.87 -10.70
CA THR A 22 1.41 -4.63 -10.20
C THR A 22 0.24 -4.55 -11.18
N ASP A 23 -0.63 -5.54 -11.11
CA ASP A 23 -1.85 -5.57 -11.91
C ASP A 23 -3.04 -5.09 -11.08
N GLY A 24 -2.79 -4.80 -9.80
CA GLY A 24 -3.87 -4.43 -8.91
C GLY A 24 -3.94 -2.93 -8.68
N LEU A 25 -3.11 -2.43 -7.76
CA LEU A 25 -3.09 -1.01 -7.44
C LEU A 25 -1.92 -0.68 -6.52
N CYS A 26 -1.92 0.53 -5.99
CA CYS A 26 -0.91 0.96 -5.03
C CYS A 26 -1.35 0.63 -3.62
N PHE A 27 -0.39 0.41 -2.73
CA PHE A 27 -0.67 0.08 -1.34
C PHE A 27 0.50 0.43 -0.44
N VAL A 28 0.30 1.43 0.40
CA VAL A 28 1.27 1.77 1.43
C VAL A 28 0.71 1.41 2.80
N SER A 29 1.44 0.64 3.58
CA SER A 29 1.03 0.32 4.93
C SER A 29 1.90 1.10 5.90
N VAL A 30 1.29 2.10 6.48
CA VAL A 30 1.99 3.04 7.34
C VAL A 30 1.54 2.81 8.77
N THR A 31 2.30 2.04 9.51
CA THR A 31 1.90 1.68 10.85
C THR A 31 2.71 2.45 11.89
N GLU A 32 2.20 3.61 12.28
CA GLU A 32 2.89 4.43 13.27
C GLU A 32 2.34 4.13 14.65
N THR A 33 2.99 3.20 15.31
CA THR A 33 2.59 2.80 16.62
C THR A 33 3.40 3.54 17.67
N THR A 34 3.22 3.19 18.92
CA THR A 34 4.02 3.76 19.99
C THR A 34 5.36 3.04 20.07
N ASP A 35 5.55 2.08 19.18
CA ASP A 35 6.79 1.33 19.07
C ASP A 35 7.80 2.13 18.26
N LYS A 36 7.36 2.51 17.06
CA LYS A 36 8.15 3.28 16.11
C LYS A 36 7.35 3.52 14.84
N VAL A 37 7.89 4.30 13.93
CA VAL A 37 7.18 4.66 12.72
C VAL A 37 7.48 3.67 11.61
N ILE A 38 6.46 2.88 11.26
CA ILE A 38 6.59 1.86 10.24
C ILE A 38 5.94 2.34 8.96
N HIS A 39 6.66 2.25 7.86
CA HIS A 39 6.13 2.64 6.56
C HIS A 39 6.60 1.68 5.49
N ASN A 40 5.72 0.78 5.07
CA ASN A 40 6.05 -0.21 4.07
C ASN A 40 5.06 -0.15 2.93
N SER A 41 5.52 0.34 1.80
CA SER A 41 4.71 0.37 0.60
C SER A 41 5.06 -0.80 -0.27
N MET A 42 4.06 -1.46 -0.80
CA MET A 42 4.28 -2.59 -1.66
C MET A 42 3.49 -2.43 -2.94
N CYS A 43 3.90 -3.17 -3.93
CA CYS A 43 3.14 -3.29 -5.16
C CYS A 43 2.07 -4.31 -4.96
N ILE A 44 0.88 -3.82 -4.65
CA ILE A 44 -0.19 -4.70 -4.29
C ILE A 44 -0.84 -5.23 -5.56
N ALA A 45 -0.63 -6.49 -5.83
CA ALA A 45 -1.19 -7.09 -7.01
C ALA A 45 -2.59 -7.54 -6.73
N GLU A 46 -3.33 -7.89 -7.77
CA GLU A 46 -4.70 -8.32 -7.60
C GLU A 46 -4.79 -9.50 -6.62
N ILE A 47 -3.78 -10.36 -6.64
CA ILE A 47 -3.71 -11.49 -5.73
C ILE A 47 -3.63 -11.02 -4.28
N ASP A 48 -3.03 -9.86 -4.10
CA ASP A 48 -2.79 -9.30 -2.78
C ASP A 48 -4.00 -8.52 -2.30
N LEU A 49 -5.02 -8.41 -3.16
CA LEU A 49 -6.27 -7.80 -2.75
C LEU A 49 -7.10 -8.85 -2.04
N ILE A 50 -7.14 -8.78 -0.73
CA ILE A 50 -7.82 -9.79 0.06
C ILE A 50 -8.72 -9.12 1.10
N PRO A 51 -10.06 -9.16 0.92
CA PRO A 51 -10.72 -9.70 -0.28
C PRO A 51 -10.46 -8.84 -1.51
N ARG A 52 -10.80 -9.35 -2.69
CA ARG A 52 -10.37 -8.73 -3.93
C ARG A 52 -11.05 -7.37 -4.15
N ASP A 53 -12.22 -7.16 -3.58
CA ASP A 53 -12.93 -5.91 -3.76
C ASP A 53 -12.32 -4.83 -2.89
N ARG A 54 -11.73 -5.23 -1.78
CA ARG A 54 -11.09 -4.29 -0.87
C ARG A 54 -10.16 -5.02 0.10
N PRO A 55 -8.85 -5.01 -0.17
CA PRO A 55 -7.86 -5.64 0.68
C PRO A 55 -7.88 -5.11 2.11
N PHE A 56 -8.11 -6.00 3.07
CA PHE A 56 -8.06 -5.64 4.48
C PHE A 56 -6.65 -5.28 4.90
N VAL A 57 -5.67 -5.59 4.06
CA VAL A 57 -4.29 -5.23 4.36
C VAL A 57 -4.18 -3.71 4.34
N CYS A 58 -5.10 -3.10 3.62
CA CYS A 58 -5.18 -1.65 3.53
C CYS A 58 -6.23 -1.14 4.53
N ALA A 59 -6.78 -2.06 5.32
CA ALA A 59 -7.80 -1.71 6.31
C ALA A 59 -7.94 -2.82 7.37
N PRO A 60 -6.91 -3.04 8.20
CA PRO A 60 -6.89 -4.16 9.15
C PRO A 60 -7.92 -4.00 10.26
N SER A 61 -7.68 -3.07 11.16
CA SER A 61 -8.58 -2.83 12.28
C SER A 61 -8.33 -1.45 12.87
N SER A 62 -7.07 -1.23 13.29
CA SER A 62 -6.64 0.04 13.86
C SER A 62 -7.27 0.27 15.23
N LYS A 63 -7.90 -0.77 15.76
CA LYS A 63 -8.60 -0.69 17.03
C LYS A 63 -7.71 -1.20 18.16
N THR A 64 -6.51 -1.61 17.79
CA THR A 64 -5.49 -1.99 18.74
C THR A 64 -4.45 -0.85 18.81
N GLY A 65 -3.27 -1.10 19.34
CA GLY A 65 -2.23 -0.09 19.36
C GLY A 65 -1.66 0.18 17.98
N SER A 66 -2.04 -0.66 17.03
CA SER A 66 -1.59 -0.52 15.65
C SER A 66 -2.43 0.51 14.90
N VAL A 67 -1.88 1.71 14.77
CA VAL A 67 -2.48 2.72 13.92
C VAL A 67 -1.96 2.50 12.51
N THR A 68 -2.61 1.59 11.82
CA THR A 68 -2.20 1.21 10.49
C THR A 68 -2.88 2.11 9.48
N THR A 69 -2.14 3.12 9.04
CA THR A 69 -2.65 4.03 8.04
C THR A 69 -2.21 3.50 6.68
N THR A 70 -2.97 3.77 5.65
CA THR A 70 -2.74 3.14 4.37
C THR A 70 -2.99 4.09 3.21
N TYR A 71 -2.12 4.04 2.21
CA TYR A 71 -2.33 4.80 0.99
C TYR A 71 -2.46 3.83 -0.18
N CYS A 72 -3.69 3.51 -0.56
CA CYS A 72 -3.93 2.56 -1.62
C CYS A 72 -4.80 3.21 -2.70
N CYS A 73 -4.31 3.22 -3.94
CA CYS A 73 -4.99 3.95 -5.01
C CYS A 73 -4.69 3.32 -6.36
N ASN A 74 -5.52 3.62 -7.34
CA ASN A 74 -5.48 2.90 -8.61
C ASN A 74 -4.76 3.69 -9.69
N GLN A 75 -4.15 4.80 -9.33
CA GLN A 75 -3.39 5.61 -10.28
C GLN A 75 -1.94 5.18 -10.30
N ASP A 76 -1.29 5.27 -11.46
CA ASP A 76 0.12 4.89 -11.58
C ASP A 76 0.99 5.85 -10.78
N HIS A 77 2.00 5.27 -10.11
CA HIS A 77 2.96 6.05 -9.32
C HIS A 77 2.29 6.77 -8.15
N CYS A 78 1.10 6.31 -7.80
CA CYS A 78 0.35 6.89 -6.71
C CYS A 78 0.80 6.27 -5.39
N ASN A 79 1.96 6.70 -4.90
CA ASN A 79 2.50 6.15 -3.68
C ASN A 79 3.14 7.24 -2.82
N LYS A 80 2.81 7.22 -1.54
CA LYS A 80 3.36 8.16 -0.57
C LYS A 80 2.90 7.77 0.82
N ILE A 81 3.41 8.46 1.83
CA ILE A 81 2.95 8.23 3.20
C ILE A 81 1.66 9.01 3.43
N GLU A 82 0.63 8.30 3.86
CA GLU A 82 -0.70 8.87 3.94
C GLU A 82 -0.93 9.53 5.30
N LEU A 83 -2.01 10.30 5.38
CA LEU A 83 -2.32 11.07 6.57
C LEU A 83 -3.13 10.21 7.54
N PRO A 84 -3.00 10.49 8.85
CA PRO A 84 -3.73 9.77 9.90
C PRO A 84 -5.21 10.17 9.98
N THR A 85 -5.74 10.66 8.87
CA THR A 85 -7.13 11.09 8.79
C THR A 85 -8.05 9.91 8.47
N THR A 86 -7.43 8.75 8.30
CA THR A 86 -8.15 7.51 8.03
C THR A 86 -7.47 6.36 8.77
N VAL A 87 -8.17 5.22 8.88
CA VAL A 87 -7.64 3.99 9.53
C VAL A 87 -6.80 4.30 10.77
#